data_3A1N
#
_entry.id   3A1N
#
_cell.length_a   149.759
_cell.length_b   45.618
_cell.length_c   89.036
_cell.angle_alpha   90.00
_cell.angle_beta   113.13
_cell.angle_gamma   90.00
#
_symmetry.space_group_name_H-M   'C 1 2 1'
#
loop_
_entity.id
_entity.type
_entity.pdbx_description
1 polymer 'NDP-sugar epimerase'
2 non-polymer NICOTINAMIDE-ADENINE-DINUCLEOTIDE
3 water water
#
_entity_poly.entity_id   1
_entity_poly.type   'polypeptide(L)'
_entity_poly.pdbx_seq_one_letter_code
;MILVTGSSGQIGTELVPYLAEKYGKKNVIASDIVQRDTGGIKFITLDVSNRDEIDRAVEKYSIDAIFHLAGILSAKGEKD
PALAYKVNMNGTYNILEAAKQHRVEKVVIPSTIGVFGPETPKNKVPSITITRPRTMYGVTKIAAELLGQYYYEKFGLDVR
SLRYPGIISYKAEPTAGTTDYAVEIFYYAVKREKYKCYLAPNRALPMMYMPDALKALVDLYEADRDKLVLRNGYNVTAYT
FTPSELYSKIKERIPEFEIEYKEDFRDKIAATWPESLDSSEASNEWGFSIEYDLDRTIDDMIDHISEKLGIEGKHAL
;
_entity_poly.pdbx_strand_id   A,B
#
loop_
_chem_comp.id
_chem_comp.type
_chem_comp.name
_chem_comp.formula
NAD non-polymer NICOTINAMIDE-ADENINE-DINUCLEOTIDE 'C21 H27 N7 O14 P2'
#
# COMPACT_ATOMS: atom_id res chain seq x y z
N MET A 1 -26.38 -11.88 -10.09
CA MET A 1 -26.37 -12.03 -8.61
C MET A 1 -25.25 -11.18 -8.02
N ILE A 2 -25.61 -10.25 -7.16
CA ILE A 2 -24.65 -9.36 -6.54
C ILE A 2 -24.53 -9.57 -5.03
N LEU A 3 -23.30 -9.65 -4.54
CA LEU A 3 -23.09 -9.80 -3.12
C LEU A 3 -22.48 -8.51 -2.60
N VAL A 4 -23.11 -7.90 -1.60
CA VAL A 4 -22.52 -6.72 -1.03
C VAL A 4 -22.04 -7.09 0.37
N THR A 5 -20.77 -6.77 0.55
CA THR A 5 -20.00 -7.03 1.75
C THR A 5 -20.02 -5.76 2.63
N GLY A 6 -20.13 -5.93 3.95
CA GLY A 6 -20.16 -4.77 4.84
C GLY A 6 -21.38 -3.91 4.55
N SER A 7 -22.50 -4.56 4.32
CA SER A 7 -23.76 -3.91 3.98
C SER A 7 -24.43 -3.07 5.06
N SER A 8 -24.05 -3.24 6.32
CA SER A 8 -24.70 -2.47 7.40
C SER A 8 -24.05 -1.12 7.67
N GLY A 9 -23.07 -0.75 6.85
CA GLY A 9 -22.40 0.53 7.05
C GLY A 9 -23.10 1.68 6.36
N GLN A 10 -22.58 2.88 6.52
CA GLN A 10 -23.17 4.07 5.91
C GLN A 10 -23.50 3.86 4.44
N ILE A 11 -22.51 3.41 3.68
CA ILE A 11 -22.71 3.18 2.26
C ILE A 11 -23.61 1.97 2.03
N GLY A 12 -23.32 0.89 2.74
CA GLY A 12 -24.10 -0.32 2.61
C GLY A 12 -25.60 -0.20 2.88
N THR A 13 -25.99 0.44 3.98
CA THR A 13 -27.43 0.52 4.25
C THR A 13 -28.20 1.24 3.18
N GLU A 14 -27.53 2.05 2.36
CA GLU A 14 -28.24 2.73 1.29
C GLU A 14 -27.90 2.14 -0.08
N LEU A 15 -26.76 1.46 -0.19
CA LEU A 15 -26.38 0.85 -1.46
C LEU A 15 -27.24 -0.38 -1.77
N VAL A 16 -27.55 -1.16 -0.74
CA VAL A 16 -28.37 -2.35 -0.95
C VAL A 16 -29.72 -2.03 -1.60
N PRO A 17 -30.51 -1.12 -1.00
CA PRO A 17 -31.81 -0.76 -1.59
C PRO A 17 -31.65 -0.17 -2.99
N TYR A 18 -30.59 0.60 -3.18
CA TYR A 18 -30.29 1.23 -4.46
C TYR A 18 -30.08 0.16 -5.52
N LEU A 19 -29.23 -0.81 -5.20
CA LEU A 19 -28.90 -1.91 -6.10
C LEU A 19 -30.14 -2.77 -6.37
N ALA A 20 -30.92 -3.01 -5.32
CA ALA A 20 -32.12 -3.80 -5.43
C ALA A 20 -33.12 -3.15 -6.40
N GLU A 21 -33.27 -1.84 -6.30
CA GLU A 21 -34.19 -1.13 -7.20
C GLU A 21 -33.69 -1.13 -8.64
N LYS A 22 -32.37 -1.24 -8.82
CA LYS A 22 -31.83 -1.24 -10.17
C LYS A 22 -31.79 -2.60 -10.83
N TYR A 23 -31.52 -3.65 -10.05
CA TYR A 23 -31.44 -4.99 -10.62
C TYR A 23 -32.41 -6.01 -10.04
N GLY A 24 -33.21 -5.60 -9.06
CA GLY A 24 -34.17 -6.52 -8.46
C GLY A 24 -33.70 -7.10 -7.14
N LYS A 25 -34.59 -7.08 -6.15
CA LYS A 25 -34.28 -7.59 -4.82
C LYS A 25 -33.74 -9.02 -4.87
N LYS A 26 -34.19 -9.80 -5.84
CA LYS A 26 -33.77 -11.19 -5.97
C LYS A 26 -32.33 -11.39 -6.42
N ASN A 27 -31.75 -10.39 -7.06
CA ASN A 27 -30.38 -10.48 -7.55
C ASN A 27 -29.37 -9.80 -6.64
N VAL A 28 -29.81 -9.44 -5.43
CA VAL A 28 -28.95 -8.77 -4.47
C VAL A 28 -28.90 -9.48 -3.13
N ILE A 29 -27.68 -9.72 -2.64
CA ILE A 29 -27.45 -10.38 -1.36
C ILE A 29 -26.64 -9.44 -0.47
N ALA A 30 -27.19 -9.09 0.69
CA ALA A 30 -26.50 -8.22 1.63
C ALA A 30 -25.78 -9.09 2.66
N SER A 31 -24.64 -8.63 3.13
CA SER A 31 -23.89 -9.40 4.11
C SER A 31 -23.08 -8.48 5.02
N ASP A 32 -22.82 -8.96 6.24
CA ASP A 32 -22.07 -8.21 7.23
C ASP A 32 -21.90 -9.11 8.46
N ILE A 33 -21.11 -8.67 9.42
CA ILE A 33 -20.95 -9.46 10.64
C ILE A 33 -22.00 -8.93 11.63
N VAL A 34 -22.60 -7.80 11.26
CA VAL A 34 -23.65 -7.16 12.06
C VAL A 34 -24.89 -7.02 11.19
N GLN A 35 -25.98 -7.67 11.58
CA GLN A 35 -27.22 -7.60 10.81
C GLN A 35 -28.07 -6.36 11.11
N ARG A 36 -28.63 -5.79 10.05
CA ARG A 36 -29.48 -4.62 10.13
C ARG A 36 -30.62 -4.83 9.15
N ASP A 37 -31.75 -4.18 9.40
CA ASP A 37 -32.92 -4.29 8.52
C ASP A 37 -32.50 -3.97 7.08
N THR A 38 -32.85 -4.86 6.16
CA THR A 38 -32.50 -4.66 4.76
C THR A 38 -33.74 -4.45 3.89
N GLY A 39 -34.92 -4.57 4.50
CA GLY A 39 -36.16 -4.36 3.78
C GLY A 39 -36.47 -5.33 2.65
N GLY A 40 -36.48 -6.63 2.96
CA GLY A 40 -36.80 -7.61 1.94
C GLY A 40 -35.63 -8.29 1.28
N ILE A 41 -34.52 -7.59 1.13
CA ILE A 41 -33.34 -8.16 0.50
C ILE A 41 -32.70 -9.21 1.41
N LYS A 42 -32.32 -10.34 0.82
CA LYS A 42 -31.69 -11.43 1.56
C LYS A 42 -30.42 -10.96 2.27
N PHE A 43 -30.29 -11.32 3.55
CA PHE A 43 -29.12 -10.97 4.33
C PHE A 43 -28.47 -12.22 4.91
N ILE A 44 -27.15 -12.27 4.84
CA ILE A 44 -26.40 -13.38 5.38
C ILE A 44 -25.24 -12.83 6.21
N THR A 45 -24.87 -13.54 7.26
CA THR A 45 -23.77 -13.14 8.11
C THR A 45 -22.50 -13.57 7.39
N LEU A 46 -21.59 -12.63 7.15
CA LEU A 46 -20.36 -12.96 6.46
C LEU A 46 -19.16 -12.19 6.98
N ASP A 47 -18.22 -12.92 7.55
CA ASP A 47 -16.98 -12.34 8.08
C ASP A 47 -15.94 -12.51 6.98
N VAL A 48 -15.59 -11.40 6.34
CA VAL A 48 -14.64 -11.40 5.24
C VAL A 48 -13.23 -11.86 5.64
N SER A 49 -12.95 -11.89 6.93
CA SER A 49 -11.64 -12.34 7.40
C SER A 49 -11.59 -13.86 7.39
N ASN A 50 -12.72 -14.48 7.05
CA ASN A 50 -12.84 -15.94 6.99
C ASN A 50 -13.02 -16.28 5.51
N ARG A 51 -11.91 -16.61 4.85
CA ARG A 51 -11.92 -16.96 3.43
C ARG A 51 -12.96 -18.04 3.12
N ASP A 52 -13.11 -18.99 4.03
CA ASP A 52 -14.06 -20.08 3.85
C ASP A 52 -15.50 -19.55 3.71
N GLU A 53 -15.86 -18.60 4.55
CA GLU A 53 -17.21 -18.04 4.49
C GLU A 53 -17.49 -17.39 3.14
N ILE A 54 -16.48 -16.73 2.58
CA ILE A 54 -16.65 -16.08 1.29
C ILE A 54 -16.92 -17.11 0.19
N ASP A 55 -16.09 -18.16 0.15
CA ASP A 55 -16.24 -19.19 -0.85
C ASP A 55 -17.63 -19.79 -0.82
N ARG A 56 -18.16 -19.99 0.39
CA ARG A 56 -19.48 -20.57 0.56
C ARG A 56 -20.59 -19.67 0.06
N ALA A 57 -20.50 -18.37 0.34
CA ALA A 57 -21.52 -17.44 -0.12
C ALA A 57 -21.48 -17.33 -1.64
N VAL A 58 -20.28 -17.23 -2.19
CA VAL A 58 -20.14 -17.14 -3.65
C VAL A 58 -20.66 -18.40 -4.32
N GLU A 59 -20.33 -19.56 -3.76
CA GLU A 59 -20.80 -20.83 -4.34
C GLU A 59 -22.32 -20.95 -4.32
N LYS A 60 -22.91 -20.88 -3.13
CA LYS A 60 -24.36 -21.04 -3.00
C LYS A 60 -25.21 -20.09 -3.82
N TYR A 61 -24.84 -18.82 -3.86
CA TYR A 61 -25.62 -17.83 -4.59
C TYR A 61 -25.11 -17.52 -5.99
N SER A 62 -24.18 -18.33 -6.49
CA SER A 62 -23.64 -18.13 -7.83
C SER A 62 -23.32 -16.64 -8.07
N ILE A 63 -22.62 -16.04 -7.12
CA ILE A 63 -22.29 -14.61 -7.22
C ILE A 63 -21.52 -14.23 -8.48
N ASP A 64 -22.02 -13.21 -9.16
CA ASP A 64 -21.41 -12.71 -10.39
C ASP A 64 -20.68 -11.38 -10.18
N ALA A 65 -20.99 -10.70 -9.08
CA ALA A 65 -20.36 -9.41 -8.78
C ALA A 65 -20.31 -9.20 -7.28
N ILE A 66 -19.26 -8.52 -6.83
CA ILE A 66 -19.10 -8.25 -5.41
C ILE A 66 -18.79 -6.78 -5.17
N PHE A 67 -19.60 -6.14 -4.33
CA PHE A 67 -19.35 -4.76 -3.94
C PHE A 67 -18.79 -4.97 -2.54
N HIS A 68 -17.47 -4.95 -2.45
CA HIS A 68 -16.76 -5.18 -1.21
C HIS A 68 -16.59 -3.92 -0.39
N LEU A 69 -17.50 -3.72 0.56
CA LEU A 69 -17.53 -2.57 1.44
C LEU A 69 -17.04 -2.89 2.85
N ALA A 70 -17.00 -4.16 3.23
CA ALA A 70 -16.56 -4.50 4.58
C ALA A 70 -15.19 -3.92 4.93
N GLY A 71 -15.09 -3.35 6.13
CA GLY A 71 -13.84 -2.78 6.58
C GLY A 71 -13.97 -1.90 7.80
N ILE A 72 -12.83 -1.55 8.40
CA ILE A 72 -12.79 -0.68 9.57
C ILE A 72 -12.35 0.69 9.03
N LEU A 73 -13.10 1.73 9.38
CA LEU A 73 -12.81 3.08 8.88
C LEU A 73 -11.66 3.83 9.57
N SER A 74 -11.40 5.05 9.09
CA SER A 74 -10.28 5.85 9.61
C SER A 74 -10.19 6.02 11.13
N ALA A 75 -11.25 6.57 11.73
CA ALA A 75 -11.25 6.80 13.18
C ALA A 75 -11.18 5.52 14.00
N LYS A 76 -12.13 4.61 13.76
CA LYS A 76 -12.16 3.35 14.48
C LYS A 76 -10.84 2.60 14.24
N GLY A 77 -10.31 2.75 13.02
CA GLY A 77 -9.06 2.11 12.66
C GLY A 77 -7.89 2.55 13.51
N GLU A 78 -7.91 3.81 13.94
CA GLU A 78 -6.82 4.33 14.77
C GLU A 78 -6.90 3.87 16.22
N LYS A 79 -8.11 3.53 16.67
CA LYS A 79 -8.28 3.06 18.05
C LYS A 79 -7.99 1.56 18.15
N ASP A 80 -7.96 0.89 17.00
CA ASP A 80 -7.68 -0.55 16.95
C ASP A 80 -7.10 -0.91 15.57
N PRO A 81 -5.85 -0.47 15.31
CA PRO A 81 -5.16 -0.73 14.03
C PRO A 81 -4.97 -2.21 13.70
N ALA A 82 -4.83 -3.03 14.72
CA ALA A 82 -4.65 -4.46 14.53
C ALA A 82 -5.92 -5.03 13.91
N LEU A 83 -7.07 -4.53 14.37
CA LEU A 83 -8.34 -4.99 13.85
C LEU A 83 -8.51 -4.46 12.42
N ALA A 84 -8.12 -3.21 12.22
CA ALA A 84 -8.22 -2.62 10.89
C ALA A 84 -7.38 -3.43 9.92
N TYR A 85 -6.12 -3.68 10.28
CA TYR A 85 -5.25 -4.45 9.39
C TYR A 85 -5.84 -5.81 9.03
N LYS A 86 -6.32 -6.54 10.03
CA LYS A 86 -6.88 -7.86 9.78
C LYS A 86 -8.09 -7.89 8.85
N VAL A 87 -9.06 -7.01 9.10
CA VAL A 87 -10.26 -6.99 8.28
C VAL A 87 -10.08 -6.40 6.89
N ASN A 88 -9.45 -5.23 6.82
CA ASN A 88 -9.24 -4.53 5.56
C ASN A 88 -8.22 -5.19 4.63
N MET A 89 -7.06 -5.53 5.18
CA MET A 89 -5.99 -6.14 4.40
C MET A 89 -6.26 -7.59 4.01
N ASN A 90 -6.32 -8.48 4.99
CA ASN A 90 -6.55 -9.89 4.67
C ASN A 90 -7.97 -10.13 4.20
N GLY A 91 -8.88 -9.25 4.62
CA GLY A 91 -10.26 -9.38 4.19
C GLY A 91 -10.36 -9.09 2.70
N THR A 92 -9.63 -8.08 2.24
CA THR A 92 -9.66 -7.73 0.82
C THR A 92 -8.94 -8.78 -0.02
N TYR A 93 -7.85 -9.32 0.52
CA TYR A 93 -7.11 -10.35 -0.20
C TYR A 93 -8.01 -11.59 -0.32
N ASN A 94 -8.72 -11.90 0.76
CA ASN A 94 -9.63 -13.04 0.77
C ASN A 94 -10.68 -12.94 -0.33
N ILE A 95 -11.30 -11.77 -0.44
CA ILE A 95 -12.32 -11.49 -1.45
C ILE A 95 -11.77 -11.63 -2.87
N LEU A 96 -10.60 -11.05 -3.10
CA LEU A 96 -9.97 -11.08 -4.41
C LEU A 96 -9.61 -12.50 -4.84
N GLU A 97 -8.96 -13.25 -3.95
CA GLU A 97 -8.59 -14.61 -4.26
C GLU A 97 -9.84 -15.46 -4.48
N ALA A 98 -10.84 -15.31 -3.61
CA ALA A 98 -12.08 -16.06 -3.73
C ALA A 98 -12.82 -15.70 -5.02
N ALA A 99 -12.77 -14.43 -5.41
CA ALA A 99 -13.43 -14.01 -6.64
C ALA A 99 -12.72 -14.68 -7.81
N LYS A 100 -11.39 -14.64 -7.78
CA LYS A 100 -10.57 -15.23 -8.82
C LYS A 100 -10.77 -16.74 -8.93
N GLN A 101 -10.63 -17.43 -7.80
CA GLN A 101 -10.79 -18.88 -7.76
C GLN A 101 -12.14 -19.31 -8.31
N HIS A 102 -13.18 -18.59 -7.92
CA HIS A 102 -14.52 -18.89 -8.39
C HIS A 102 -14.76 -18.14 -9.69
N ARG A 103 -16.02 -18.00 -10.07
CA ARG A 103 -16.33 -17.33 -11.33
C ARG A 103 -17.05 -15.99 -11.16
N VAL A 104 -16.49 -15.13 -10.32
CA VAL A 104 -17.05 -13.81 -10.11
C VAL A 104 -16.49 -12.92 -11.22
N GLU A 105 -17.38 -12.33 -12.01
CA GLU A 105 -16.96 -11.48 -13.11
C GLU A 105 -16.40 -10.12 -12.67
N LYS A 106 -17.03 -9.51 -11.67
CA LYS A 106 -16.59 -8.20 -11.19
C LYS A 106 -16.55 -8.04 -9.68
N VAL A 107 -15.62 -7.22 -9.23
CA VAL A 107 -15.48 -6.90 -7.82
C VAL A 107 -15.29 -5.39 -7.77
N VAL A 108 -16.16 -4.70 -7.04
CA VAL A 108 -16.02 -3.25 -6.95
C VAL A 108 -15.65 -2.89 -5.52
N ILE A 109 -14.56 -2.16 -5.39
CA ILE A 109 -14.06 -1.76 -4.07
C ILE A 109 -14.04 -0.25 -3.87
N PRO A 110 -14.74 0.23 -2.85
CA PRO A 110 -14.77 1.68 -2.56
C PRO A 110 -13.52 2.06 -1.78
N SER A 111 -12.68 2.90 -2.36
CA SER A 111 -11.49 3.33 -1.64
C SER A 111 -11.77 4.66 -0.96
N THR A 112 -10.73 5.40 -0.63
CA THR A 112 -10.92 6.64 0.11
C THR A 112 -9.82 7.69 -0.07
N ILE A 113 -10.15 8.94 0.25
CA ILE A 113 -9.15 10.01 0.18
C ILE A 113 -8.11 9.68 1.26
N GLY A 114 -8.44 8.69 2.09
CA GLY A 114 -7.54 8.28 3.15
C GLY A 114 -6.24 7.69 2.64
N VAL A 115 -6.14 7.42 1.34
CA VAL A 115 -4.91 6.88 0.79
C VAL A 115 -3.84 7.96 0.66
N PHE A 116 -4.28 9.22 0.72
CA PHE A 116 -3.37 10.34 0.60
C PHE A 116 -2.72 10.70 1.94
N GLY A 117 -1.63 11.46 1.87
CA GLY A 117 -0.90 11.89 3.06
C GLY A 117 -0.39 13.32 2.93
N PRO A 118 0.37 13.82 3.93
CA PRO A 118 0.92 15.17 3.94
C PRO A 118 1.62 15.62 2.66
N GLU A 119 2.32 14.69 2.01
CA GLU A 119 3.06 15.00 0.80
C GLU A 119 2.16 15.14 -0.42
N THR A 120 0.92 14.70 -0.30
CA THR A 120 -0.04 14.79 -1.40
C THR A 120 -0.47 16.25 -1.58
N PRO A 121 -0.49 16.74 -2.84
CA PRO A 121 -0.92 18.13 -3.08
C PRO A 121 -2.30 18.37 -2.48
N LYS A 122 -2.50 19.52 -1.86
CA LYS A 122 -3.78 19.81 -1.20
C LYS A 122 -4.95 20.23 -2.09
N ASN A 123 -4.68 20.81 -3.25
CA ASN A 123 -5.75 21.26 -4.12
C ASN A 123 -5.86 20.57 -5.49
N LYS A 124 -7.07 20.15 -5.84
CA LYS A 124 -7.35 19.48 -7.09
C LYS A 124 -6.42 18.30 -7.36
N VAL A 125 -6.28 17.44 -6.37
CA VAL A 125 -5.41 16.27 -6.47
C VAL A 125 -5.90 15.31 -7.55
N PRO A 126 -5.03 14.91 -8.49
CA PRO A 126 -5.41 13.98 -9.55
C PRO A 126 -5.30 12.56 -8.97
N SER A 127 -5.79 11.57 -9.68
CA SER A 127 -5.76 10.20 -9.17
C SER A 127 -4.38 9.60 -9.01
N ILE A 128 -3.51 9.76 -10.00
CA ILE A 128 -2.15 9.25 -9.86
C ILE A 128 -1.34 10.38 -9.24
N THR A 129 -0.99 10.20 -7.98
CA THR A 129 -0.25 11.19 -7.23
C THR A 129 0.50 10.52 -6.09
N ILE A 130 0.99 11.32 -5.16
CA ILE A 130 1.71 10.78 -4.01
C ILE A 130 0.71 10.12 -3.05
N THR A 131 1.05 8.91 -2.61
CA THR A 131 0.18 8.18 -1.72
C THR A 131 0.94 7.59 -0.52
N ARG A 132 1.14 8.41 0.50
CA ARG A 132 1.82 8.01 1.72
C ARG A 132 0.88 8.20 2.90
N PRO A 133 -0.21 7.41 2.95
CA PRO A 133 -1.17 7.52 4.04
C PRO A 133 -0.53 7.39 5.42
N ARG A 134 -1.07 8.14 6.38
CA ARG A 134 -0.55 8.14 7.74
C ARG A 134 -1.49 7.45 8.73
N THR A 135 -2.51 6.76 8.24
CA THR A 135 -3.42 6.01 9.12
C THR A 135 -3.42 4.55 8.68
N MET A 136 -3.72 3.65 9.61
CA MET A 136 -3.75 2.24 9.28
C MET A 136 -4.79 2.07 8.18
N TYR A 137 -5.93 2.71 8.34
CA TYR A 137 -7.01 2.67 7.37
C TYR A 137 -6.53 3.03 5.97
N GLY A 138 -5.83 4.15 5.85
CA GLY A 138 -5.31 4.58 4.57
C GLY A 138 -4.29 3.63 3.97
N VAL A 139 -3.43 3.02 4.79
CA VAL A 139 -2.44 2.10 4.24
C VAL A 139 -3.13 0.86 3.69
N THR A 140 -4.09 0.32 4.44
CA THR A 140 -4.81 -0.87 3.99
C THR A 140 -5.61 -0.58 2.73
N LYS A 141 -6.10 0.66 2.59
CA LYS A 141 -6.88 1.02 1.42
C LYS A 141 -6.05 1.24 0.16
N ILE A 142 -4.84 1.78 0.29
CA ILE A 142 -4.04 1.97 -0.89
C ILE A 142 -3.55 0.57 -1.29
N ALA A 143 -3.29 -0.27 -0.29
CA ALA A 143 -2.85 -1.64 -0.56
C ALA A 143 -3.96 -2.34 -1.35
N ALA A 144 -5.20 -2.16 -0.91
CA ALA A 144 -6.37 -2.77 -1.57
C ALA A 144 -6.45 -2.37 -3.03
N GLU A 145 -6.21 -1.09 -3.31
CA GLU A 145 -6.26 -0.59 -4.68
C GLU A 145 -5.20 -1.30 -5.51
N LEU A 146 -3.99 -1.36 -4.97
CA LEU A 146 -2.87 -1.98 -5.65
C LEU A 146 -3.10 -3.48 -5.86
N LEU A 147 -3.60 -4.15 -4.82
CA LEU A 147 -3.88 -5.59 -4.89
C LEU A 147 -4.95 -5.79 -5.95
N GLY A 148 -5.93 -4.89 -5.94
CA GLY A 148 -7.01 -4.98 -6.91
C GLY A 148 -6.51 -4.79 -8.33
N GLN A 149 -5.64 -3.81 -8.54
CA GLN A 149 -5.11 -3.57 -9.88
C GLN A 149 -4.27 -4.78 -10.27
N TYR A 150 -3.54 -5.33 -9.31
CA TYR A 150 -2.71 -6.50 -9.59
C TYR A 150 -3.57 -7.69 -9.99
N TYR A 151 -4.67 -7.92 -9.29
CA TYR A 151 -5.50 -9.06 -9.65
C TYR A 151 -5.98 -8.95 -11.09
N TYR A 152 -6.21 -7.72 -11.57
CA TYR A 152 -6.62 -7.58 -12.96
C TYR A 152 -5.46 -7.92 -13.87
N GLU A 153 -4.36 -7.19 -13.74
CA GLU A 153 -3.21 -7.40 -14.60
C GLU A 153 -2.63 -8.81 -14.59
N LYS A 154 -2.58 -9.43 -13.41
CA LYS A 154 -2.04 -10.77 -13.29
C LYS A 154 -2.99 -11.90 -13.66
N PHE A 155 -4.23 -11.83 -13.20
CA PHE A 155 -5.21 -12.89 -13.45
C PHE A 155 -6.38 -12.56 -14.35
N GLY A 156 -6.50 -11.29 -14.75
CA GLY A 156 -7.60 -10.90 -15.60
C GLY A 156 -8.91 -10.68 -14.85
N LEU A 157 -8.84 -10.67 -13.52
CA LEU A 157 -10.04 -10.47 -12.70
C LEU A 157 -10.42 -8.99 -12.81
N ASP A 158 -11.66 -8.74 -13.21
CA ASP A 158 -12.17 -7.38 -13.39
C ASP A 158 -12.49 -6.68 -12.07
N VAL A 159 -11.50 -5.99 -11.52
CA VAL A 159 -11.66 -5.27 -10.26
C VAL A 159 -11.50 -3.75 -10.49
N ARG A 160 -12.44 -2.99 -9.94
CA ARG A 160 -12.45 -1.53 -10.10
C ARG A 160 -12.64 -0.86 -8.75
N SER A 161 -12.20 0.39 -8.64
CA SER A 161 -12.34 1.13 -7.39
C SER A 161 -12.28 2.64 -7.63
N LEU A 162 -12.97 3.38 -6.74
CA LEU A 162 -12.97 4.83 -6.81
C LEU A 162 -12.71 5.24 -5.38
N ARG A 163 -12.24 6.47 -5.19
CA ARG A 163 -11.95 6.95 -3.86
C ARG A 163 -13.02 7.95 -3.43
N TYR A 164 -13.76 7.61 -2.39
CA TYR A 164 -14.80 8.51 -1.93
C TYR A 164 -14.26 9.58 -1.00
N PRO A 165 -14.89 10.76 -1.02
CA PRO A 165 -14.48 11.86 -0.15
C PRO A 165 -15.41 11.65 1.03
N GLY A 166 -15.66 12.68 1.83
CA GLY A 166 -16.59 12.52 2.93
C GLY A 166 -17.98 12.37 2.33
N ILE A 167 -18.79 11.44 2.85
CA ILE A 167 -20.14 11.25 2.31
C ILE A 167 -21.21 11.75 3.26
N ILE A 168 -22.07 12.61 2.74
CA ILE A 168 -23.19 13.17 3.51
C ILE A 168 -24.43 12.33 3.20
N SER A 169 -25.21 11.99 4.22
CA SER A 169 -26.41 11.19 4.02
C SER A 169 -27.42 11.36 5.16
N TYR A 170 -28.69 11.06 4.88
CA TYR A 170 -29.73 11.20 5.91
C TYR A 170 -30.32 9.87 6.38
N LYS A 171 -30.08 8.78 5.63
CA LYS A 171 -30.61 7.48 6.04
C LYS A 171 -29.65 6.87 7.06
N ALA A 172 -28.43 6.60 6.61
CA ALA A 172 -27.40 6.03 7.48
C ALA A 172 -26.91 7.13 8.42
N GLU A 173 -26.72 6.78 9.68
CA GLU A 173 -26.28 7.75 10.67
C GLU A 173 -24.81 7.62 11.00
N PRO A 174 -24.13 8.76 11.24
CA PRO A 174 -22.71 8.83 11.56
C PRO A 174 -22.29 7.85 12.65
N THR A 175 -21.04 7.41 12.57
CA THR A 175 -20.50 6.48 13.54
C THR A 175 -19.14 6.96 14.03
N ALA A 176 -19.14 8.11 14.70
CA ALA A 176 -17.93 8.71 15.24
C ALA A 176 -16.72 8.63 14.30
N GLY A 177 -16.97 8.72 12.99
CA GLY A 177 -15.89 8.66 12.01
C GLY A 177 -15.26 10.02 11.80
N THR A 178 -14.32 10.12 10.86
CA THR A 178 -13.64 11.39 10.60
C THR A 178 -14.46 12.49 9.92
N THR A 179 -15.20 12.14 8.87
CA THR A 179 -16.00 13.12 8.16
C THR A 179 -17.47 13.15 8.60
N ASP A 180 -17.79 12.45 9.68
CA ASP A 180 -19.17 12.41 10.16
C ASP A 180 -19.74 13.73 10.63
N TYR A 181 -18.89 14.70 10.96
CA TYR A 181 -19.41 15.97 11.43
C TYR A 181 -20.35 16.61 10.41
N ALA A 182 -20.09 16.35 9.13
CA ALA A 182 -20.88 16.92 8.05
C ALA A 182 -22.32 16.42 8.04
N VAL A 183 -22.58 15.33 8.77
CA VAL A 183 -23.94 14.82 8.86
C VAL A 183 -24.48 15.23 10.23
N GLU A 184 -23.68 15.03 11.27
CA GLU A 184 -24.05 15.38 12.65
C GLU A 184 -24.56 16.81 12.81
N ILE A 185 -23.89 17.75 12.15
CA ILE A 185 -24.23 19.15 12.25
C ILE A 185 -25.69 19.43 11.88
N PHE A 186 -26.24 18.66 10.95
CA PHE A 186 -27.63 18.86 10.54
C PHE A 186 -28.64 18.48 11.62
N TYR A 187 -28.34 17.45 12.40
CA TYR A 187 -29.25 17.04 13.46
C TYR A 187 -29.33 18.16 14.49
N TYR A 188 -28.18 18.73 14.86
CA TYR A 188 -28.14 19.83 15.81
C TYR A 188 -28.79 21.09 15.25
N ALA A 189 -28.54 21.37 13.97
CA ALA A 189 -29.10 22.55 13.32
C ALA A 189 -30.63 22.54 13.35
N VAL A 190 -31.20 21.43 12.90
CA VAL A 190 -32.65 21.25 12.88
C VAL A 190 -33.27 21.40 14.26
N LYS A 191 -32.54 20.99 15.29
CA LYS A 191 -33.03 21.08 16.67
C LYS A 191 -32.66 22.43 17.29
N ARG A 192 -32.06 23.31 16.50
CA ARG A 192 -31.65 24.62 17.00
C ARG A 192 -30.73 24.48 18.21
N GLU A 193 -29.84 23.50 18.17
CA GLU A 193 -28.89 23.27 19.27
C GLU A 193 -27.46 23.58 18.85
N LYS A 194 -26.65 23.93 19.84
CA LYS A 194 -25.24 24.25 19.62
C LYS A 194 -24.47 22.97 19.33
N TYR A 195 -23.86 22.91 18.16
CA TYR A 195 -23.09 21.74 17.76
C TYR A 195 -21.61 21.87 18.08
N LYS A 196 -21.06 20.87 18.76
CA LYS A 196 -19.65 20.86 19.11
C LYS A 196 -18.88 20.10 18.02
N CYS A 197 -18.17 20.86 17.18
CA CYS A 197 -17.40 20.30 16.07
C CYS A 197 -16.00 19.84 16.49
N TYR A 198 -15.63 18.62 16.10
CA TYR A 198 -14.32 18.06 16.46
C TYR A 198 -13.22 18.32 15.42
N LEU A 199 -13.57 19.00 14.33
CA LEU A 199 -12.59 19.32 13.31
C LEU A 199 -12.37 20.84 13.35
N ALA A 200 -11.13 21.28 13.11
CA ALA A 200 -10.84 22.72 13.14
C ALA A 200 -11.75 23.47 12.18
N PRO A 201 -12.11 24.71 12.53
CA PRO A 201 -13.00 25.54 11.71
C PRO A 201 -12.56 25.77 10.26
N ASN A 202 -11.26 25.68 10.00
CA ASN A 202 -10.75 25.89 8.64
C ASN A 202 -10.28 24.60 7.97
N ARG A 203 -10.68 23.46 8.53
CA ARG A 203 -10.30 22.15 8.01
C ARG A 203 -11.07 21.84 6.72
N ALA A 204 -10.54 22.25 5.58
CA ALA A 204 -11.20 22.01 4.29
C ALA A 204 -11.06 20.57 3.82
N LEU A 205 -12.17 20.00 3.36
CA LEU A 205 -12.20 18.63 2.87
C LEU A 205 -13.15 18.45 1.69
N PRO A 206 -12.92 17.39 0.89
CA PRO A 206 -13.79 17.12 -0.26
C PRO A 206 -14.98 16.32 0.27
N MET A 207 -16.17 16.57 -0.27
CA MET A 207 -17.37 15.87 0.17
C MET A 207 -18.34 15.64 -1.00
N MET A 208 -19.36 14.83 -0.76
CA MET A 208 -20.39 14.56 -1.75
C MET A 208 -21.64 14.01 -1.08
N TYR A 209 -22.77 14.10 -1.77
CA TYR A 209 -24.04 13.65 -1.24
C TYR A 209 -24.28 12.18 -1.57
N MET A 210 -24.82 11.43 -0.60
CA MET A 210 -25.06 9.99 -0.78
C MET A 210 -25.61 9.56 -2.14
N PRO A 211 -26.68 10.22 -2.62
CA PRO A 211 -27.21 9.81 -3.93
C PRO A 211 -26.19 9.81 -5.07
N ASP A 212 -25.26 10.77 -5.05
CA ASP A 212 -24.24 10.84 -6.08
C ASP A 212 -23.16 9.79 -5.80
N ALA A 213 -22.94 9.50 -4.54
CA ALA A 213 -21.94 8.50 -4.16
C ALA A 213 -22.42 7.14 -4.65
N LEU A 214 -23.71 6.86 -4.48
CA LEU A 214 -24.28 5.57 -4.90
C LEU A 214 -24.23 5.44 -6.43
N LYS A 215 -24.71 6.45 -7.13
CA LYS A 215 -24.71 6.46 -8.58
C LYS A 215 -23.30 6.29 -9.17
N ALA A 216 -22.31 6.91 -8.53
CA ALA A 216 -20.93 6.80 -9.00
C ALA A 216 -20.40 5.37 -8.87
N LEU A 217 -20.71 4.73 -7.75
CA LEU A 217 -20.25 3.37 -7.54
C LEU A 217 -20.88 2.44 -8.57
N VAL A 218 -22.17 2.62 -8.85
CA VAL A 218 -22.85 1.76 -9.82
C VAL A 218 -22.44 2.10 -11.24
N ASP A 219 -22.18 3.38 -11.50
CA ASP A 219 -21.75 3.77 -12.84
C ASP A 219 -20.40 3.12 -13.14
N LEU A 220 -19.53 3.07 -12.13
CA LEU A 220 -18.22 2.43 -12.31
C LEU A 220 -18.43 0.94 -12.54
N TYR A 221 -19.34 0.35 -11.78
CA TYR A 221 -19.65 -1.07 -11.94
C TYR A 221 -20.07 -1.40 -13.38
N GLU A 222 -20.93 -0.57 -13.95
CA GLU A 222 -21.41 -0.80 -15.32
C GLU A 222 -20.55 -0.25 -16.45
N ALA A 223 -19.52 0.53 -16.11
CA ALA A 223 -18.65 1.13 -17.13
C ALA A 223 -18.12 0.19 -18.20
N ASP A 224 -17.93 0.74 -19.41
CA ASP A 224 -17.39 -0.05 -20.52
C ASP A 224 -15.95 -0.38 -20.17
N ARG A 225 -15.57 -1.63 -20.35
CA ARG A 225 -14.21 -2.08 -20.07
C ARG A 225 -13.16 -1.40 -20.96
N ASP A 226 -13.55 -1.09 -22.19
CA ASP A 226 -12.64 -0.46 -23.15
C ASP A 226 -12.18 0.94 -22.72
N LYS A 227 -13.00 1.63 -21.94
CA LYS A 227 -12.66 2.98 -21.48
C LYS A 227 -11.94 3.01 -20.13
N LEU A 228 -11.94 1.88 -19.42
CA LEU A 228 -11.31 1.83 -18.10
C LEU A 228 -9.78 1.73 -18.13
N VAL A 229 -9.12 2.86 -18.34
CA VAL A 229 -7.66 2.88 -18.37
C VAL A 229 -7.06 2.95 -16.97
N LEU A 230 -7.55 3.87 -16.13
CA LEU A 230 -7.03 4.00 -14.76
C LEU A 230 -7.51 2.77 -13.98
N ARG A 231 -8.79 2.44 -14.15
CA ARG A 231 -9.41 1.27 -13.51
C ARG A 231 -9.54 1.30 -11.98
N ASN A 232 -8.41 1.48 -11.29
CA ASN A 232 -8.44 1.53 -9.83
C ASN A 232 -7.92 2.87 -9.33
N GLY A 233 -8.56 3.39 -8.29
CA GLY A 233 -8.12 4.65 -7.73
C GLY A 233 -8.75 5.93 -8.25
N TYR A 234 -9.93 5.85 -8.86
CA TYR A 234 -10.59 7.04 -9.39
C TYR A 234 -11.00 8.04 -8.31
N ASN A 235 -10.45 9.25 -8.37
CA ASN A 235 -10.82 10.28 -7.41
C ASN A 235 -12.26 10.66 -7.74
N VAL A 236 -13.03 10.97 -6.71
CA VAL A 236 -14.41 11.35 -6.95
C VAL A 236 -14.82 12.35 -5.88
N THR A 237 -15.49 13.41 -6.29
CA THR A 237 -15.91 14.44 -5.34
C THR A 237 -17.04 15.28 -5.93
N ALA A 238 -17.61 16.15 -5.11
CA ALA A 238 -18.68 17.04 -5.53
C ALA A 238 -18.31 18.48 -5.19
N TYR A 239 -17.81 18.68 -3.97
CA TYR A 239 -17.43 20.00 -3.51
C TYR A 239 -16.46 19.92 -2.33
N THR A 240 -15.94 21.06 -1.92
CA THR A 240 -15.03 21.14 -0.79
C THR A 240 -15.44 22.29 0.12
N PHE A 241 -15.43 22.05 1.42
CA PHE A 241 -15.78 23.09 2.39
C PHE A 241 -15.15 22.83 3.73
N THR A 242 -15.14 23.87 4.57
CA THR A 242 -14.61 23.79 5.92
C THR A 242 -15.82 23.71 6.84
N PRO A 243 -15.62 23.28 8.10
CA PRO A 243 -16.78 23.20 9.00
C PRO A 243 -17.43 24.58 9.19
N SER A 244 -16.62 25.62 9.36
CA SER A 244 -17.15 26.96 9.56
C SER A 244 -18.01 27.37 8.36
N GLU A 245 -17.60 26.96 7.17
CA GLU A 245 -18.33 27.27 5.95
C GLU A 245 -19.67 26.55 5.87
N LEU A 246 -19.67 25.23 6.11
CA LEU A 246 -20.93 24.48 6.08
C LEU A 246 -21.86 25.10 7.12
N TYR A 247 -21.31 25.43 8.28
CA TYR A 247 -22.09 26.04 9.36
C TYR A 247 -22.81 27.30 8.87
N SER A 248 -22.05 28.21 8.26
CA SER A 248 -22.61 29.46 7.76
C SER A 248 -23.73 29.25 6.74
N LYS A 249 -23.51 28.31 5.81
CA LYS A 249 -24.50 28.03 4.78
C LYS A 249 -25.76 27.46 5.39
N ILE A 250 -25.61 26.60 6.40
CA ILE A 250 -26.75 26.01 7.07
C ILE A 250 -27.43 27.13 7.85
N LYS A 251 -26.63 28.02 8.43
CA LYS A 251 -27.14 29.15 9.20
C LYS A 251 -28.05 30.04 8.35
N GLU A 252 -27.76 30.10 7.05
CA GLU A 252 -28.58 30.92 6.15
C GLU A 252 -30.01 30.40 6.12
N ARG A 253 -30.18 29.12 6.46
CA ARG A 253 -31.50 28.50 6.47
C ARG A 253 -32.08 28.40 7.88
N ILE A 254 -31.21 28.23 8.87
CA ILE A 254 -31.62 28.11 10.27
C ILE A 254 -30.68 28.99 11.08
N PRO A 255 -31.00 30.28 11.23
CA PRO A 255 -30.15 31.19 11.99
C PRO A 255 -30.07 30.96 13.50
N GLU A 256 -31.10 30.34 14.08
CA GLU A 256 -31.11 30.11 15.52
C GLU A 256 -30.42 28.81 15.90
N PHE A 257 -29.17 28.68 15.45
CA PHE A 257 -28.35 27.49 15.72
C PHE A 257 -26.89 27.94 15.71
N GLU A 258 -26.07 27.34 16.57
CA GLU A 258 -24.66 27.73 16.64
C GLU A 258 -23.67 26.57 16.70
N ILE A 259 -22.40 26.92 16.86
CA ILE A 259 -21.34 25.92 16.88
C ILE A 259 -20.10 26.34 17.65
N GLU A 260 -19.40 25.35 18.20
CA GLU A 260 -18.15 25.56 18.92
C GLU A 260 -17.15 24.53 18.40
N TYR A 261 -15.87 24.84 18.50
CA TYR A 261 -14.86 23.92 18.00
C TYR A 261 -13.94 23.35 19.07
N LYS A 262 -14.01 22.03 19.23
CA LYS A 262 -13.19 21.32 20.20
C LYS A 262 -12.59 20.12 19.49
N GLU A 263 -11.49 20.38 18.81
CA GLU A 263 -10.80 19.37 18.01
C GLU A 263 -10.27 18.16 18.80
N ASP A 264 -10.30 16.99 18.15
CA ASP A 264 -9.77 15.77 18.76
C ASP A 264 -8.85 15.08 17.74
N PHE A 265 -8.56 13.80 17.96
CA PHE A 265 -7.66 13.08 17.06
C PHE A 265 -8.10 13.02 15.59
N ARG A 266 -9.41 13.13 15.36
CA ARG A 266 -9.90 13.09 14.00
C ARG A 266 -9.46 14.29 13.16
N ASP A 267 -9.19 15.42 13.82
CA ASP A 267 -8.74 16.60 13.09
C ASP A 267 -7.29 16.37 12.66
N LYS A 268 -6.55 15.61 13.46
CA LYS A 268 -5.16 15.31 13.14
C LYS A 268 -5.15 14.44 11.88
N ILE A 269 -6.15 13.55 11.76
CA ILE A 269 -6.28 12.68 10.59
C ILE A 269 -6.60 13.53 9.37
N ALA A 270 -7.65 14.33 9.48
CA ALA A 270 -8.10 15.20 8.40
C ALA A 270 -7.00 16.11 7.89
N ALA A 271 -6.12 16.55 8.80
CA ALA A 271 -5.03 17.43 8.43
C ALA A 271 -4.03 16.79 7.46
N THR A 272 -4.01 15.45 7.36
CA THR A 272 -3.09 14.79 6.46
C THR A 272 -3.73 14.53 5.11
N TRP A 273 -4.98 14.97 4.95
CA TRP A 273 -5.71 14.76 3.71
C TRP A 273 -5.78 16.03 2.87
N PRO A 274 -6.02 15.89 1.57
CA PRO A 274 -6.11 17.06 0.69
C PRO A 274 -7.43 17.79 0.88
N GLU A 275 -7.49 19.03 0.41
CA GLU A 275 -8.70 19.83 0.56
C GLU A 275 -9.71 19.57 -0.56
N SER A 276 -9.21 19.40 -1.78
CA SER A 276 -10.10 19.15 -2.91
C SER A 276 -9.49 18.15 -3.88
N LEU A 277 -10.36 17.51 -4.65
CA LEU A 277 -9.91 16.52 -5.62
C LEU A 277 -10.25 16.92 -7.04
N ASP A 278 -9.55 16.30 -7.98
CA ASP A 278 -9.78 16.50 -9.40
C ASP A 278 -10.40 15.17 -9.80
N SER A 279 -11.64 15.18 -10.27
CA SER A 279 -12.32 13.95 -10.66
C SER A 279 -12.49 13.76 -12.17
N SER A 280 -11.59 14.39 -12.94
CA SER A 280 -11.63 14.33 -14.41
C SER A 280 -11.53 12.93 -15.02
N GLU A 281 -10.62 12.11 -14.52
CA GLU A 281 -10.44 10.76 -15.02
C GLU A 281 -11.72 9.94 -14.94
N ALA A 282 -12.44 10.05 -13.82
CA ALA A 282 -13.70 9.33 -13.66
C ALA A 282 -14.73 9.80 -14.68
N SER A 283 -14.85 11.12 -14.84
CA SER A 283 -15.81 11.67 -15.79
C SER A 283 -15.50 11.28 -17.23
N ASN A 284 -14.21 11.28 -17.56
CA ASN A 284 -13.78 10.95 -18.90
C ASN A 284 -13.82 9.46 -19.23
N GLU A 285 -13.40 8.64 -18.29
CA GLU A 285 -13.36 7.21 -18.53
C GLU A 285 -14.67 6.45 -18.34
N TRP A 286 -15.52 6.91 -17.43
CA TRP A 286 -16.80 6.25 -17.26
C TRP A 286 -18.02 7.15 -17.00
N GLY A 287 -17.88 8.44 -17.34
CA GLY A 287 -18.98 9.37 -17.21
C GLY A 287 -19.42 9.91 -15.86
N PHE A 288 -18.58 9.78 -14.85
CA PHE A 288 -18.93 10.29 -13.52
C PHE A 288 -19.49 11.71 -13.54
N SER A 289 -20.61 11.93 -12.85
CA SER A 289 -21.21 13.25 -12.77
C SER A 289 -21.95 13.43 -11.44
N ILE A 290 -22.15 14.70 -11.08
CA ILE A 290 -22.80 15.09 -9.84
C ILE A 290 -24.15 15.74 -10.08
N GLU A 291 -25.18 15.30 -9.36
CA GLU A 291 -26.52 15.87 -9.49
C GLU A 291 -26.85 16.83 -8.35
N TYR A 292 -26.17 16.65 -7.23
CA TYR A 292 -26.42 17.50 -6.06
C TYR A 292 -25.26 18.40 -5.67
N ASP A 293 -25.36 19.69 -5.99
CA ASP A 293 -24.30 20.62 -5.62
C ASP A 293 -24.46 20.92 -4.13
N LEU A 294 -23.62 21.78 -3.57
CA LEU A 294 -23.71 22.06 -2.14
C LEU A 294 -25.06 22.54 -1.63
N ASP A 295 -25.66 23.50 -2.33
CA ASP A 295 -26.95 24.04 -1.91
C ASP A 295 -28.05 22.99 -1.94
N ARG A 296 -28.14 22.23 -3.02
CA ARG A 296 -29.17 21.22 -3.13
C ARG A 296 -29.03 20.16 -2.04
N THR A 297 -27.79 19.83 -1.66
CA THR A 297 -27.60 18.83 -0.62
C THR A 297 -27.96 19.39 0.75
N ILE A 298 -27.56 20.63 1.04
CA ILE A 298 -27.89 21.23 2.32
C ILE A 298 -29.41 21.27 2.48
N ASP A 299 -30.10 21.75 1.45
CA ASP A 299 -31.55 21.86 1.51
C ASP A 299 -32.29 20.53 1.56
N ASP A 300 -31.78 19.53 0.85
CA ASP A 300 -32.41 18.21 0.86
C ASP A 300 -32.18 17.54 2.21
N MET A 301 -31.00 17.76 2.80
CA MET A 301 -30.66 17.20 4.10
C MET A 301 -31.53 17.81 5.20
N ILE A 302 -31.66 19.14 5.18
CA ILE A 302 -32.48 19.84 6.15
C ILE A 302 -33.89 19.26 6.07
N ASP A 303 -34.36 19.05 4.84
CA ASP A 303 -35.68 18.51 4.58
C ASP A 303 -35.86 17.12 5.21
N HIS A 304 -35.00 16.18 4.83
CA HIS A 304 -35.09 14.82 5.36
C HIS A 304 -34.80 14.73 6.86
N ILE A 305 -33.80 15.44 7.34
CA ILE A 305 -33.47 15.40 8.76
C ILE A 305 -34.60 16.02 9.59
N SER A 306 -35.20 17.09 9.08
CA SER A 306 -36.30 17.75 9.79
C SER A 306 -37.47 16.79 10.02
N GLU A 307 -37.83 16.02 8.99
CA GLU A 307 -38.94 15.09 9.15
C GLU A 307 -38.49 13.87 9.95
N LYS A 308 -37.20 13.53 9.87
CA LYS A 308 -36.68 12.39 10.61
C LYS A 308 -36.75 12.66 12.12
N LEU A 309 -36.54 13.90 12.52
CA LEU A 309 -36.58 14.26 13.94
C LEU A 309 -37.95 14.78 14.38
N GLY A 310 -38.94 14.61 13.51
CA GLY A 310 -40.29 15.03 13.82
C GLY A 310 -40.49 16.52 14.02
N ILE A 311 -39.77 17.33 13.25
CA ILE A 311 -39.90 18.78 13.34
C ILE A 311 -41.05 19.20 12.42
N GLU A 312 -41.30 18.38 11.41
CA GLU A 312 -42.37 18.59 10.45
C GLU A 312 -43.00 17.25 10.06
N GLY A 313 -44.08 16.90 10.75
CA GLY A 313 -44.79 15.65 10.50
C GLY A 313 -44.59 15.10 9.11
N LYS A 314 -44.48 13.77 9.03
CA LYS A 314 -44.24 13.11 7.75
C LYS A 314 -45.14 13.57 6.60
N HIS A 315 -46.29 14.16 6.91
CA HIS A 315 -47.16 14.63 5.82
C HIS A 315 -46.66 16.00 5.37
N MET B 1 20.95 -6.93 21.28
CA MET B 1 21.40 -7.92 20.27
C MET B 1 20.64 -7.70 18.97
N ILE B 2 21.28 -8.06 17.86
CA ILE B 2 20.67 -7.88 16.55
C ILE B 2 20.20 -9.18 15.93
N LEU B 3 18.94 -9.20 15.50
CA LEU B 3 18.37 -10.37 14.82
C LEU B 3 18.24 -10.02 13.35
N VAL B 4 18.71 -10.91 12.49
CA VAL B 4 18.59 -10.69 11.07
C VAL B 4 17.76 -11.82 10.50
N THR B 5 16.62 -11.48 9.89
CA THR B 5 15.76 -12.50 9.30
C THR B 5 16.16 -12.63 7.82
N GLY B 6 15.88 -13.79 7.23
CA GLY B 6 16.25 -14.00 5.83
C GLY B 6 17.74 -13.77 5.65
N SER B 7 18.53 -14.17 6.65
CA SER B 7 19.97 -13.99 6.63
C SER B 7 20.73 -14.77 5.54
N SER B 8 20.08 -15.75 4.93
CA SER B 8 20.74 -16.55 3.90
C SER B 8 20.60 -15.97 2.48
N GLY B 9 19.99 -14.80 2.36
CA GLY B 9 19.84 -14.21 1.05
C GLY B 9 21.08 -13.53 0.51
N GLN B 10 20.94 -12.81 -0.60
CA GLN B 10 22.06 -12.11 -1.22
C GLN B 10 22.67 -11.13 -0.23
N ILE B 11 21.81 -10.34 0.40
CA ILE B 11 22.23 -9.34 1.36
C ILE B 11 22.65 -9.99 2.68
N GLY B 12 21.78 -10.81 3.24
CA GLY B 12 22.08 -11.45 4.51
C GLY B 12 23.39 -12.20 4.57
N THR B 13 23.79 -12.79 3.46
CA THR B 13 25.02 -13.55 3.37
C THR B 13 26.23 -12.73 3.79
N GLU B 14 26.24 -11.47 3.38
CA GLU B 14 27.34 -10.58 3.69
C GLU B 14 27.04 -9.64 4.86
N LEU B 15 25.76 -9.31 5.07
CA LEU B 15 25.40 -8.41 6.16
C LEU B 15 25.76 -8.98 7.53
N VAL B 16 25.51 -10.28 7.73
CA VAL B 16 25.81 -10.93 9.00
C VAL B 16 27.25 -10.70 9.48
N PRO B 17 28.25 -11.19 8.74
CA PRO B 17 29.63 -10.96 9.19
C PRO B 17 30.00 -9.48 9.22
N TYR B 18 29.34 -8.70 8.36
CA TYR B 18 29.59 -7.27 8.30
C TYR B 18 29.24 -6.68 9.67
N LEU B 19 28.06 -7.06 10.16
CA LEU B 19 27.54 -6.64 11.45
C LEU B 19 28.37 -7.18 12.61
N ALA B 20 28.75 -8.44 12.51
CA ALA B 20 29.56 -9.09 13.53
C ALA B 20 30.89 -8.37 13.67
N GLU B 21 31.49 -8.04 12.54
CA GLU B 21 32.76 -7.33 12.50
C GLU B 21 32.67 -5.96 13.19
N LYS B 22 31.55 -5.27 12.95
CA LYS B 22 31.35 -3.94 13.51
C LYS B 22 30.77 -3.88 14.93
N TYR B 23 29.89 -4.81 15.26
CA TYR B 23 29.23 -4.80 16.57
C TYR B 23 29.58 -5.90 17.56
N GLY B 24 30.33 -6.90 17.12
CA GLY B 24 30.68 -7.99 18.02
C GLY B 24 30.08 -9.28 17.55
N LYS B 25 30.88 -10.34 17.53
CA LYS B 25 30.44 -11.65 17.06
C LYS B 25 29.17 -12.19 17.71
N LYS B 26 29.06 -12.11 19.02
CA LYS B 26 27.86 -12.64 19.63
C LYS B 26 26.75 -11.64 19.89
N ASN B 27 26.81 -10.51 19.19
CA ASN B 27 25.78 -9.47 19.29
C ASN B 27 24.86 -9.57 18.08
N VAL B 28 25.14 -10.55 17.23
CA VAL B 28 24.36 -10.77 16.02
C VAL B 28 23.85 -12.20 15.96
N ILE B 29 22.65 -12.37 15.42
CA ILE B 29 22.06 -13.70 15.28
C ILE B 29 21.40 -13.79 13.91
N ALA B 30 21.84 -14.77 13.12
CA ALA B 30 21.31 -14.99 11.79
C ALA B 30 20.10 -15.92 11.86
N SER B 31 19.14 -15.72 10.96
CA SER B 31 17.94 -16.55 10.95
C SER B 31 17.34 -16.59 9.54
N ASP B 32 16.77 -17.75 9.21
CA ASP B 32 16.17 -17.97 7.90
C ASP B 32 15.45 -19.32 7.97
N ILE B 33 14.79 -19.69 6.88
CA ILE B 33 14.11 -20.98 6.82
C ILE B 33 15.06 -21.94 6.11
N VAL B 34 16.15 -21.39 5.61
CA VAL B 34 17.21 -22.13 4.93
C VAL B 34 18.53 -21.71 5.55
N GLN B 35 19.30 -22.68 6.03
CA GLN B 35 20.57 -22.39 6.68
C GLN B 35 21.80 -22.43 5.76
N ARG B 36 22.75 -21.56 6.06
CA ARG B 36 24.00 -21.48 5.31
C ARG B 36 25.11 -21.17 6.31
N ASP B 37 26.36 -21.33 5.87
CA ASP B 37 27.47 -21.05 6.73
C ASP B 37 27.43 -19.59 7.19
N THR B 38 27.45 -19.37 8.50
CA THR B 38 27.44 -18.03 9.06
C THR B 38 28.77 -17.69 9.73
N GLY B 39 29.81 -18.43 9.35
CA GLY B 39 31.13 -18.20 9.89
C GLY B 39 31.23 -18.29 11.41
N GLY B 40 30.38 -19.12 12.00
CA GLY B 40 30.41 -19.27 13.44
C GLY B 40 29.28 -18.50 14.11
N ILE B 41 28.90 -17.38 13.53
CA ILE B 41 27.84 -16.56 14.10
C ILE B 41 26.58 -17.41 14.32
N LYS B 42 25.97 -17.22 15.48
CA LYS B 42 24.78 -17.97 15.87
C LYS B 42 23.67 -17.91 14.83
N PHE B 43 23.13 -19.09 14.50
CA PHE B 43 22.05 -19.20 13.54
C PHE B 43 20.87 -19.96 14.11
N ILE B 44 19.67 -19.52 13.76
CA ILE B 44 18.44 -20.17 14.20
C ILE B 44 17.46 -20.20 13.04
N THR B 45 16.66 -21.26 12.96
CA THR B 45 15.67 -21.38 11.91
C THR B 45 14.43 -20.60 12.36
N LEU B 46 13.99 -19.66 11.54
CA LEU B 46 12.84 -18.84 11.89
C LEU B 46 11.94 -18.52 10.71
N ASP B 47 10.68 -18.95 10.80
CA ASP B 47 9.70 -18.68 9.76
C ASP B 47 9.01 -17.38 10.15
N VAL B 48 9.22 -16.34 9.33
CA VAL B 48 8.65 -15.02 9.57
C VAL B 48 7.12 -14.97 9.49
N SER B 49 6.50 -15.95 8.84
CA SER B 49 5.05 -15.95 8.73
C SER B 49 4.42 -16.55 9.99
N ASN B 50 5.25 -17.00 10.92
CA ASN B 50 4.78 -17.57 12.17
C ASN B 50 5.10 -16.61 13.31
N ARG B 51 4.10 -15.85 13.74
CA ARG B 51 4.28 -14.87 14.81
C ARG B 51 4.86 -15.51 16.08
N ASP B 52 4.41 -16.72 16.39
CA ASP B 52 4.89 -17.41 17.59
C ASP B 52 6.39 -17.63 17.59
N GLU B 53 6.95 -18.02 16.46
CA GLU B 53 8.38 -18.27 16.35
C GLU B 53 9.16 -16.96 16.55
N ILE B 54 8.60 -15.87 16.04
CA ILE B 54 9.27 -14.57 16.16
C ILE B 54 9.35 -14.10 17.61
N ASP B 55 8.24 -14.17 18.33
CA ASP B 55 8.21 -13.74 19.73
C ASP B 55 9.22 -14.49 20.58
N ARG B 56 9.22 -15.81 20.47
CA ARG B 56 10.12 -16.67 21.23
C ARG B 56 11.59 -16.39 20.94
N ALA B 57 11.89 -16.02 19.69
CA ALA B 57 13.27 -15.72 19.32
C ALA B 57 13.66 -14.37 19.94
N VAL B 58 12.74 -13.42 19.88
CA VAL B 58 12.98 -12.11 20.44
C VAL B 58 13.17 -12.27 21.95
N GLU B 59 12.43 -13.21 22.54
CA GLU B 59 12.51 -13.49 23.97
C GLU B 59 13.88 -14.01 24.38
N LYS B 60 14.21 -15.21 23.89
CA LYS B 60 15.45 -15.89 24.23
C LYS B 60 16.75 -15.16 23.96
N TYR B 61 16.80 -14.36 22.91
CA TYR B 61 18.05 -13.67 22.59
C TYR B 61 18.02 -12.19 22.93
N SER B 62 16.98 -11.77 23.64
CA SER B 62 16.83 -10.37 24.05
C SER B 62 17.16 -9.46 22.87
N ILE B 63 16.43 -9.63 21.77
CA ILE B 63 16.65 -8.84 20.57
C ILE B 63 16.42 -7.35 20.76
N ASP B 64 17.43 -6.57 20.41
CA ASP B 64 17.43 -5.11 20.53
C ASP B 64 17.13 -4.42 19.20
N ALA B 65 17.54 -5.05 18.11
CA ALA B 65 17.34 -4.49 16.79
C ALA B 65 17.05 -5.59 15.79
N ILE B 66 16.41 -5.23 14.68
CA ILE B 66 16.10 -6.22 13.67
C ILE B 66 16.28 -5.74 12.24
N PHE B 67 17.07 -6.49 11.48
CA PHE B 67 17.28 -6.22 10.08
C PHE B 67 16.38 -7.27 9.43
N HIS B 68 15.21 -6.86 8.98
CA HIS B 68 14.24 -7.78 8.38
C HIS B 68 14.47 -7.96 6.89
N LEU B 69 15.17 -9.03 6.54
CA LEU B 69 15.51 -9.36 5.15
C LEU B 69 14.65 -10.48 4.55
N ALA B 70 13.90 -11.18 5.38
CA ALA B 70 13.07 -12.26 4.88
C ALA B 70 11.98 -11.76 3.92
N GLY B 71 11.77 -12.52 2.85
CA GLY B 71 10.75 -12.18 1.86
C GLY B 71 10.95 -12.86 0.51
N ILE B 72 9.96 -12.77 -0.35
CA ILE B 72 10.02 -13.32 -1.69
C ILE B 72 10.24 -12.14 -2.64
N LEU B 73 11.15 -12.28 -3.60
CA LEU B 73 11.48 -11.20 -4.54
C LEU B 73 10.52 -11.05 -5.73
N SER B 74 10.78 -10.06 -6.58
CA SER B 74 9.88 -9.81 -7.71
C SER B 74 9.63 -10.97 -8.67
N ALA B 75 10.69 -11.60 -9.17
CA ALA B 75 10.53 -12.71 -10.11
C ALA B 75 9.77 -13.88 -9.53
N LYS B 76 10.25 -14.39 -8.41
CA LYS B 76 9.60 -15.51 -7.73
C LYS B 76 8.17 -15.14 -7.33
N GLY B 77 7.97 -13.86 -7.00
CA GLY B 77 6.66 -13.39 -6.62
C GLY B 77 5.63 -13.49 -7.74
N GLU B 78 6.09 -13.30 -8.98
CA GLU B 78 5.16 -13.39 -10.09
C GLU B 78 4.84 -14.85 -10.42
N LYS B 79 5.75 -15.75 -10.05
CA LYS B 79 5.52 -17.17 -10.27
C LYS B 79 4.64 -17.73 -9.16
N ASP B 80 4.65 -17.09 -8.01
CA ASP B 80 3.85 -17.54 -6.87
C ASP B 80 3.46 -16.33 -6.00
N PRO B 81 2.48 -15.53 -6.44
CA PRO B 81 2.07 -14.36 -5.66
C PRO B 81 1.45 -14.67 -4.29
N ALA B 82 0.75 -15.79 -4.18
CA ALA B 82 0.13 -16.17 -2.90
C ALA B 82 1.23 -16.30 -1.85
N LEU B 83 2.38 -16.85 -2.26
CA LEU B 83 3.51 -17.03 -1.37
C LEU B 83 4.14 -15.68 -1.04
N ALA B 84 4.34 -14.85 -2.05
CA ALA B 84 4.93 -13.53 -1.84
C ALA B 84 4.12 -12.76 -0.81
N TYR B 85 2.80 -12.77 -0.98
CA TYR B 85 1.90 -12.06 -0.07
C TYR B 85 1.99 -12.61 1.35
N LYS B 86 1.91 -13.93 1.48
CA LYS B 86 1.99 -14.54 2.81
C LYS B 86 3.26 -14.18 3.58
N VAL B 87 4.43 -14.41 2.99
CA VAL B 87 5.68 -14.12 3.70
C VAL B 87 6.00 -12.63 3.78
N ASN B 88 5.76 -11.89 2.70
CA ASN B 88 6.05 -10.46 2.70
C ASN B 88 5.04 -9.67 3.52
N MET B 89 3.76 -9.79 3.18
CA MET B 89 2.72 -9.06 3.91
C MET B 89 2.56 -9.56 5.33
N ASN B 90 2.14 -10.82 5.52
CA ASN B 90 1.96 -11.35 6.87
C ASN B 90 3.26 -11.31 7.64
N GLY B 91 4.34 -11.67 6.94
CA GLY B 91 5.65 -11.69 7.55
C GLY B 91 6.12 -10.38 8.15
N THR B 92 6.09 -9.29 7.38
CA THR B 92 6.55 -8.02 7.93
C THR B 92 5.56 -7.48 8.95
N TYR B 93 4.30 -7.85 8.85
CA TYR B 93 3.32 -7.40 9.84
C TYR B 93 3.69 -8.06 11.17
N ASN B 94 3.91 -9.36 11.14
CA ASN B 94 4.28 -10.09 12.35
C ASN B 94 5.49 -9.50 13.05
N ILE B 95 6.52 -9.16 12.28
CA ILE B 95 7.73 -8.60 12.86
C ILE B 95 7.50 -7.21 13.44
N LEU B 96 6.63 -6.43 12.82
CA LEU B 96 6.35 -5.08 13.31
C LEU B 96 5.66 -5.17 14.67
N GLU B 97 4.66 -6.04 14.76
CA GLU B 97 3.90 -6.24 15.99
C GLU B 97 4.77 -6.84 17.10
N ALA B 98 5.63 -7.78 16.72
CA ALA B 98 6.53 -8.40 17.67
C ALA B 98 7.54 -7.37 18.17
N ALA B 99 7.97 -6.48 17.30
CA ALA B 99 8.94 -5.46 17.68
C ALA B 99 8.29 -4.43 18.61
N LYS B 100 7.08 -4.01 18.26
CA LYS B 100 6.33 -3.03 19.04
C LYS B 100 6.00 -3.58 20.43
N GLN B 101 5.61 -4.85 20.45
CA GLN B 101 5.24 -5.56 21.68
C GLN B 101 6.41 -5.56 22.67
N HIS B 102 7.58 -5.99 22.20
CA HIS B 102 8.77 -6.08 23.04
C HIS B 102 9.61 -4.81 23.01
N ARG B 103 10.79 -4.85 23.64
CA ARG B 103 11.65 -3.68 23.69
C ARG B 103 12.69 -3.64 22.57
N VAL B 104 12.22 -3.39 21.34
CA VAL B 104 13.11 -3.31 20.19
C VAL B 104 13.39 -1.86 19.81
N GLU B 105 14.64 -1.45 19.98
CA GLU B 105 15.06 -0.09 19.67
C GLU B 105 14.85 0.26 18.19
N LYS B 106 15.37 -0.58 17.29
CA LYS B 106 15.24 -0.31 15.87
C LYS B 106 14.90 -1.54 15.02
N VAL B 107 14.35 -1.26 13.84
CA VAL B 107 14.00 -2.28 12.87
C VAL B 107 14.24 -1.69 11.48
N VAL B 108 15.13 -2.35 10.74
CA VAL B 108 15.47 -1.91 9.39
C VAL B 108 14.89 -2.88 8.37
N ILE B 109 14.18 -2.34 7.39
CA ILE B 109 13.57 -3.15 6.33
C ILE B 109 14.09 -2.69 4.98
N PRO B 110 14.79 -3.57 4.26
CA PRO B 110 15.29 -3.12 2.94
C PRO B 110 14.12 -3.05 1.98
N SER B 111 13.91 -1.89 1.36
CA SER B 111 12.83 -1.78 0.39
C SER B 111 13.43 -1.93 -0.99
N THR B 112 12.66 -1.62 -2.03
CA THR B 112 13.14 -1.85 -3.40
C THR B 112 12.62 -0.85 -4.43
N ILE B 113 13.26 -0.83 -5.59
CA ILE B 113 12.81 0.04 -6.67
C ILE B 113 11.49 -0.57 -7.16
N GLY B 114 11.22 -1.79 -6.72
CA GLY B 114 10.00 -2.45 -7.11
C GLY B 114 8.74 -1.73 -6.64
N VAL B 115 8.88 -0.80 -5.70
CA VAL B 115 7.71 -0.08 -5.21
C VAL B 115 7.24 0.92 -6.27
N PHE B 116 8.00 1.02 -7.36
CA PHE B 116 7.63 1.93 -8.43
C PHE B 116 6.86 1.20 -9.53
N GLY B 117 6.14 1.99 -10.33
CA GLY B 117 5.36 1.45 -11.42
C GLY B 117 5.57 2.31 -12.65
N PRO B 118 4.89 2.01 -13.76
CA PRO B 118 5.02 2.77 -15.01
C PRO B 118 4.75 4.27 -14.97
N GLU B 119 3.97 4.73 -13.98
CA GLU B 119 3.67 6.16 -13.84
C GLU B 119 4.79 6.90 -13.15
N THR B 120 5.70 6.16 -12.52
CA THR B 120 6.83 6.75 -11.83
C THR B 120 7.83 7.31 -12.85
N PRO B 121 8.27 8.56 -12.70
CA PRO B 121 9.23 9.14 -13.63
C PRO B 121 10.38 8.17 -13.86
N LYS B 122 10.98 8.20 -15.04
CA LYS B 122 12.07 7.28 -15.35
C LYS B 122 13.47 7.74 -14.95
N ASN B 123 13.66 9.04 -14.78
CA ASN B 123 15.00 9.54 -14.43
C ASN B 123 15.08 10.53 -13.29
N LYS B 124 16.14 10.44 -12.51
CA LYS B 124 16.35 11.33 -11.36
C LYS B 124 15.16 11.33 -10.42
N VAL B 125 14.48 10.19 -10.33
CA VAL B 125 13.30 10.06 -9.47
C VAL B 125 13.64 10.21 -7.99
N PRO B 126 12.99 11.17 -7.31
CA PRO B 126 13.21 11.43 -5.89
C PRO B 126 12.45 10.40 -5.03
N SER B 127 12.66 10.42 -3.72
CA SER B 127 12.01 9.46 -2.85
C SER B 127 10.51 9.66 -2.73
N ILE B 128 10.07 10.92 -2.74
CA ILE B 128 8.64 11.22 -2.68
C ILE B 128 8.17 11.34 -4.13
N THR B 129 7.50 10.30 -4.61
CA THR B 129 7.03 10.26 -5.99
C THR B 129 5.85 9.30 -6.08
N ILE B 130 5.49 8.94 -7.31
CA ILE B 130 4.37 8.02 -7.52
C ILE B 130 4.82 6.61 -7.18
N THR B 131 3.97 5.88 -6.45
CA THR B 131 4.32 4.52 -6.08
C THR B 131 3.13 3.61 -6.33
N ARG B 132 3.03 3.10 -7.56
CA ARG B 132 1.95 2.23 -7.97
C ARG B 132 2.55 0.95 -8.57
N PRO B 133 3.17 0.11 -7.72
CA PRO B 133 3.81 -1.13 -8.15
C PRO B 133 2.85 -2.08 -8.87
N ARG B 134 3.36 -2.75 -9.90
CA ARG B 134 2.57 -3.68 -10.69
C ARG B 134 2.91 -5.14 -10.42
N THR B 135 3.80 -5.40 -9.46
CA THR B 135 4.15 -6.78 -9.10
C THR B 135 3.66 -7.04 -7.68
N MET B 136 3.37 -8.30 -7.36
CA MET B 136 2.92 -8.61 -6.02
C MET B 136 4.01 -8.20 -5.05
N TYR B 137 5.25 -8.44 -5.45
CA TYR B 137 6.41 -8.07 -4.63
C TYR B 137 6.38 -6.58 -4.31
N GLY B 138 6.29 -5.75 -5.36
CA GLY B 138 6.25 -4.31 -5.17
C GLY B 138 5.07 -3.85 -4.32
N VAL B 139 3.93 -4.52 -4.46
CA VAL B 139 2.76 -4.16 -3.65
C VAL B 139 3.08 -4.41 -2.16
N THR B 140 3.62 -5.59 -1.85
CA THR B 140 3.94 -5.90 -0.45
C THR B 140 5.05 -5.01 0.13
N LYS B 141 5.95 -4.52 -0.72
CA LYS B 141 7.04 -3.67 -0.24
C LYS B 141 6.58 -2.25 0.06
N ILE B 142 5.72 -1.71 -0.80
CA ILE B 142 5.24 -0.36 -0.56
C ILE B 142 4.38 -0.45 0.71
N ALA B 143 3.67 -1.57 0.86
CA ALA B 143 2.85 -1.78 2.06
C ALA B 143 3.79 -1.78 3.27
N ALA B 144 4.96 -2.39 3.12
CA ALA B 144 5.94 -2.46 4.21
C ALA B 144 6.45 -1.07 4.59
N GLU B 145 6.82 -0.26 3.60
CA GLU B 145 7.31 1.10 3.84
C GLU B 145 6.29 1.93 4.61
N LEU B 146 5.02 1.79 4.24
CA LEU B 146 3.93 2.54 4.86
C LEU B 146 3.60 2.01 6.25
N LEU B 147 3.66 0.70 6.43
CA LEU B 147 3.38 0.08 7.71
C LEU B 147 4.48 0.46 8.70
N GLY B 148 5.72 0.51 8.21
CA GLY B 148 6.83 0.87 9.08
C GLY B 148 6.74 2.32 9.53
N GLN B 149 6.46 3.22 8.58
CA GLN B 149 6.35 4.64 8.91
C GLN B 149 5.16 4.86 9.83
N TYR B 150 4.12 4.05 9.66
CA TYR B 150 2.95 4.19 10.50
C TYR B 150 3.25 3.78 11.94
N TYR B 151 3.93 2.64 12.10
CA TYR B 151 4.29 2.17 13.44
C TYR B 151 5.18 3.19 14.15
N TYR B 152 6.00 3.89 13.38
CA TYR B 152 6.87 4.90 13.95
C TYR B 152 6.02 6.07 14.43
N GLU B 153 5.27 6.65 13.52
CA GLU B 153 4.43 7.80 13.84
C GLU B 153 3.33 7.50 14.86
N LYS B 154 2.88 6.24 14.92
CA LYS B 154 1.82 5.86 15.83
C LYS B 154 2.31 5.38 17.20
N PHE B 155 3.26 4.44 17.19
CA PHE B 155 3.78 3.85 18.41
C PHE B 155 5.22 4.20 18.72
N GLY B 156 5.84 5.00 17.85
CA GLY B 156 7.23 5.37 18.07
C GLY B 156 8.25 4.28 17.74
N LEU B 157 7.79 3.15 17.20
CA LEU B 157 8.70 2.06 16.84
C LEU B 157 9.64 2.65 15.80
N ASP B 158 10.95 2.52 16.02
CA ASP B 158 11.92 3.10 15.10
C ASP B 158 12.25 2.26 13.88
N VAL B 159 11.32 2.20 12.93
CA VAL B 159 11.56 1.44 11.71
C VAL B 159 12.00 2.37 10.58
N ARG B 160 13.07 1.95 9.91
CA ARG B 160 13.65 2.71 8.82
C ARG B 160 13.80 1.79 7.62
N SER B 161 13.88 2.39 6.43
CA SER B 161 14.03 1.59 5.22
C SER B 161 14.55 2.44 4.08
N LEU B 162 15.26 1.79 3.16
CA LEU B 162 15.79 2.46 1.99
C LEU B 162 15.40 1.54 0.84
N ARG B 163 15.38 2.06 -0.37
CA ARG B 163 15.02 1.27 -1.53
C ARG B 163 16.26 0.89 -2.34
N TYR B 164 16.60 -0.39 -2.33
CA TYR B 164 17.76 -0.81 -3.09
C TYR B 164 17.42 -0.99 -4.56
N PRO B 165 18.40 -0.70 -5.43
CA PRO B 165 18.22 -0.86 -6.87
C PRO B 165 18.74 -2.27 -7.06
N GLY B 166 19.17 -2.61 -8.27
CA GLY B 166 19.73 -3.94 -8.49
C GLY B 166 21.05 -3.97 -7.74
N ILE B 167 21.35 -5.08 -7.06
CA ILE B 167 22.59 -5.19 -6.31
C ILE B 167 23.53 -6.25 -6.90
N ILE B 168 24.74 -5.82 -7.22
CA ILE B 168 25.76 -6.70 -7.76
C ILE B 168 26.60 -7.22 -6.61
N SER B 169 26.84 -8.53 -6.58
CA SER B 169 27.64 -9.12 -5.52
C SER B 169 28.21 -10.46 -5.99
N TYR B 170 29.18 -10.98 -5.24
CA TYR B 170 29.81 -12.25 -5.61
C TYR B 170 29.76 -13.31 -4.52
N LYS B 171 29.67 -12.91 -3.26
CA LYS B 171 29.66 -13.89 -2.17
C LYS B 171 28.49 -14.86 -2.25
N ALA B 172 27.28 -14.32 -2.42
CA ALA B 172 26.09 -15.17 -2.54
C ALA B 172 25.85 -15.46 -4.02
N GLU B 173 25.45 -16.69 -4.33
CA GLU B 173 25.18 -17.07 -5.70
C GLU B 173 23.82 -16.54 -6.15
N PRO B 174 23.73 -16.05 -7.40
CA PRO B 174 22.48 -15.50 -7.95
C PRO B 174 21.27 -16.42 -7.83
N THR B 175 20.08 -15.83 -7.75
CA THR B 175 18.85 -16.59 -7.60
C THR B 175 17.79 -16.29 -8.65
N ALA B 176 18.21 -16.09 -9.88
CA ALA B 176 17.30 -15.82 -10.99
C ALA B 176 16.38 -14.62 -10.78
N GLY B 177 16.80 -13.68 -9.94
CA GLY B 177 15.99 -12.51 -9.69
C GLY B 177 16.02 -11.57 -10.89
N THR B 178 15.01 -10.71 -10.99
CA THR B 178 14.90 -9.76 -12.08
C THR B 178 16.22 -9.02 -12.41
N THR B 179 16.91 -8.56 -11.37
CA THR B 179 18.17 -7.84 -11.55
C THR B 179 19.40 -8.74 -11.52
N ASP B 180 19.22 -10.03 -11.23
CA ASP B 180 20.33 -10.95 -11.13
C ASP B 180 21.13 -11.19 -12.42
N TYR B 181 20.65 -10.70 -13.56
CA TYR B 181 21.41 -10.91 -14.79
C TYR B 181 22.77 -10.22 -14.61
N ALA B 182 22.76 -9.13 -13.84
CA ALA B 182 23.96 -8.34 -13.61
C ALA B 182 25.01 -9.09 -12.81
N VAL B 183 24.65 -10.26 -12.30
CA VAL B 183 25.60 -11.08 -11.56
C VAL B 183 25.89 -12.34 -12.38
N GLU B 184 24.86 -12.97 -12.95
CA GLU B 184 25.05 -14.17 -13.76
C GLU B 184 26.03 -13.92 -14.91
N ILE B 185 25.94 -12.73 -15.50
CA ILE B 185 26.79 -12.37 -16.63
C ILE B 185 28.27 -12.55 -16.35
N PHE B 186 28.74 -12.12 -15.17
CA PHE B 186 30.15 -12.25 -14.81
C PHE B 186 30.60 -13.70 -14.79
N TYR B 187 29.72 -14.61 -14.35
CA TYR B 187 30.07 -16.03 -14.30
C TYR B 187 30.36 -16.54 -15.71
N TYR B 188 29.49 -16.22 -16.67
CA TYR B 188 29.71 -16.67 -18.03
C TYR B 188 30.96 -16.00 -18.59
N ALA B 189 31.14 -14.71 -18.29
CA ALA B 189 32.31 -13.98 -18.79
C ALA B 189 33.64 -14.62 -18.38
N VAL B 190 33.80 -14.94 -17.10
CA VAL B 190 35.05 -15.53 -16.63
C VAL B 190 35.29 -16.91 -17.24
N LYS B 191 34.23 -17.54 -17.73
CA LYS B 191 34.33 -18.86 -18.35
C LYS B 191 34.39 -18.67 -19.86
N ARG B 192 34.35 -17.42 -20.29
CA ARG B 192 34.39 -17.06 -21.70
C ARG B 192 33.29 -17.79 -22.49
N GLU B 193 32.12 -17.91 -21.87
CA GLU B 193 30.96 -18.56 -22.47
C GLU B 193 29.95 -17.49 -22.90
N LYS B 194 29.14 -17.82 -23.90
CA LYS B 194 28.12 -16.90 -24.37
C LYS B 194 27.02 -16.85 -23.32
N TYR B 195 26.58 -15.64 -22.98
CA TYR B 195 25.53 -15.49 -21.98
C TYR B 195 24.19 -15.15 -22.61
N LYS B 196 23.14 -15.78 -22.12
CA LYS B 196 21.79 -15.51 -22.60
C LYS B 196 21.10 -14.61 -21.57
N CYS B 197 21.00 -13.32 -21.91
CA CYS B 197 20.40 -12.32 -21.03
C CYS B 197 18.87 -12.25 -21.18
N TYR B 198 18.17 -12.24 -20.04
CA TYR B 198 16.72 -12.20 -20.08
C TYR B 198 16.10 -10.79 -20.06
N LEU B 199 16.91 -9.76 -19.96
CA LEU B 199 16.38 -8.40 -19.99
C LEU B 199 16.77 -7.81 -21.33
N ALA B 200 15.97 -6.87 -21.83
CA ALA B 200 16.25 -6.23 -23.12
C ALA B 200 17.63 -5.59 -23.14
N PRO B 201 18.26 -5.53 -24.32
CA PRO B 201 19.60 -4.94 -24.50
C PRO B 201 19.74 -3.56 -23.89
N ASN B 202 18.71 -2.73 -24.04
CA ASN B 202 18.77 -1.38 -23.51
C ASN B 202 17.85 -1.15 -22.33
N ARG B 203 17.68 -2.17 -21.50
CA ARG B 203 16.84 -2.05 -20.33
C ARG B 203 17.67 -1.41 -19.23
N ALA B 204 17.58 -0.09 -19.12
CA ALA B 204 18.35 0.65 -18.12
C ALA B 204 17.74 0.56 -16.74
N LEU B 205 18.57 0.28 -15.75
CA LEU B 205 18.11 0.18 -14.37
C LEU B 205 19.18 0.70 -13.43
N PRO B 206 18.78 1.19 -12.25
CA PRO B 206 19.78 1.68 -11.31
C PRO B 206 20.40 0.45 -10.64
N MET B 207 21.69 0.54 -10.32
CA MET B 207 22.38 -0.57 -9.68
C MET B 207 23.44 -0.07 -8.69
N MET B 208 23.98 -0.98 -7.89
CA MET B 208 25.03 -0.67 -6.93
C MET B 208 25.75 -1.94 -6.51
N TYR B 209 26.97 -1.80 -6.01
CA TYR B 209 27.77 -2.94 -5.60
C TYR B 209 27.53 -3.24 -4.14
N MET B 210 27.52 -4.52 -3.79
CA MET B 210 27.25 -4.96 -2.42
C MET B 210 27.98 -4.23 -1.32
N PRO B 211 29.25 -3.87 -1.54
CA PRO B 211 29.98 -3.15 -0.49
C PRO B 211 29.26 -1.87 -0.08
N ASP B 212 28.84 -1.07 -1.06
CA ASP B 212 28.14 0.16 -0.78
C ASP B 212 26.74 -0.14 -0.25
N ALA B 213 26.17 -1.25 -0.71
CA ALA B 213 24.83 -1.65 -0.26
C ALA B 213 24.84 -1.89 1.24
N LEU B 214 25.89 -2.56 1.72
CA LEU B 214 26.04 -2.87 3.14
C LEU B 214 26.26 -1.62 3.99
N LYS B 215 27.19 -0.77 3.56
CA LYS B 215 27.48 0.46 4.29
C LYS B 215 26.24 1.34 4.38
N ALA B 216 25.52 1.44 3.27
CA ALA B 216 24.31 2.27 3.24
C ALA B 216 23.29 1.80 4.28
N LEU B 217 23.08 0.49 4.36
CA LEU B 217 22.14 -0.07 5.31
C LEU B 217 22.55 0.21 6.75
N VAL B 218 23.83 0.02 7.07
CA VAL B 218 24.31 0.26 8.42
C VAL B 218 24.35 1.74 8.77
N ASP B 219 24.66 2.59 7.80
CA ASP B 219 24.66 4.03 8.04
C ASP B 219 23.23 4.46 8.36
N LEU B 220 22.26 3.94 7.62
CA LEU B 220 20.85 4.26 7.83
C LEU B 220 20.53 3.84 9.26
N TYR B 221 20.95 2.63 9.59
CA TYR B 221 20.74 2.05 10.91
C TYR B 221 21.40 2.81 12.04
N GLU B 222 22.55 3.40 11.78
CA GLU B 222 23.27 4.13 12.81
C GLU B 222 22.86 5.59 12.94
N ALA B 223 22.03 6.04 12.00
CA ALA B 223 21.57 7.42 12.03
C ALA B 223 20.87 7.73 13.34
N ASP B 224 20.95 8.99 13.76
CA ASP B 224 20.31 9.43 15.00
C ASP B 224 18.79 9.38 14.80
N ARG B 225 18.10 8.82 15.77
CA ARG B 225 16.64 8.67 15.71
C ARG B 225 15.89 9.97 15.42
N ASP B 226 16.36 11.08 15.96
CA ASP B 226 15.69 12.36 15.75
C ASP B 226 16.20 13.18 14.57
N LYS B 227 17.13 12.65 13.79
CA LYS B 227 17.61 13.43 12.65
C LYS B 227 17.12 12.95 11.29
N LEU B 228 16.36 11.86 11.30
CA LEU B 228 15.80 11.32 10.07
C LEU B 228 14.41 11.91 9.87
N VAL B 229 14.12 12.41 8.67
CA VAL B 229 12.80 12.98 8.44
C VAL B 229 12.01 12.08 7.51
N LEU B 230 12.58 11.74 6.35
CA LEU B 230 11.89 10.86 5.41
C LEU B 230 11.71 9.53 6.14
N ARG B 231 12.80 9.04 6.74
CA ARG B 231 12.83 7.80 7.51
C ARG B 231 12.58 6.49 6.76
N ASN B 232 11.56 6.46 5.91
CA ASN B 232 11.23 5.26 5.13
C ASN B 232 11.12 5.63 3.67
N GLY B 233 11.72 4.81 2.81
CA GLY B 233 11.66 5.04 1.37
C GLY B 233 12.83 5.78 0.74
N TYR B 234 13.99 5.80 1.39
CA TYR B 234 15.13 6.49 0.83
C TYR B 234 15.62 5.85 -0.46
N ASN B 235 15.63 6.63 -1.54
CA ASN B 235 16.12 6.13 -2.82
C ASN B 235 17.63 6.04 -2.67
N VAL B 236 18.19 4.92 -3.11
CA VAL B 236 19.62 4.72 -3.00
C VAL B 236 20.13 4.09 -4.31
N THR B 237 21.24 4.61 -4.83
CA THR B 237 21.81 4.11 -6.09
C THR B 237 23.29 4.53 -6.26
N ALA B 238 23.97 3.89 -7.20
CA ALA B 238 25.38 4.18 -7.49
C ALA B 238 25.56 4.57 -8.95
N TYR B 239 24.83 3.88 -9.83
CA TYR B 239 24.90 4.13 -11.26
C TYR B 239 23.77 3.42 -11.98
N THR B 240 23.60 3.76 -13.25
CA THR B 240 22.57 3.17 -14.09
C THR B 240 23.25 2.65 -15.35
N PHE B 241 22.81 1.49 -15.82
CA PHE B 241 23.35 0.91 -17.04
C PHE B 241 22.39 -0.11 -17.63
N THR B 242 22.59 -0.40 -18.91
CA THR B 242 21.77 -1.36 -19.61
C THR B 242 22.55 -2.67 -19.67
N PRO B 243 21.89 -3.78 -20.02
CA PRO B 243 22.61 -5.05 -20.11
C PRO B 243 23.69 -4.92 -21.19
N SER B 244 23.33 -4.20 -22.26
CA SER B 244 24.24 -3.99 -23.36
C SER B 244 25.50 -3.27 -22.89
N GLU B 245 25.32 -2.23 -22.07
CA GLU B 245 26.47 -1.48 -21.56
C GLU B 245 27.38 -2.33 -20.68
N LEU B 246 26.78 -3.01 -19.70
CA LEU B 246 27.56 -3.85 -18.81
C LEU B 246 28.34 -4.89 -19.62
N TYR B 247 27.69 -5.44 -20.65
CA TYR B 247 28.33 -6.43 -21.51
C TYR B 247 29.59 -5.84 -22.14
N SER B 248 29.44 -4.74 -22.86
CA SER B 248 30.57 -4.11 -23.53
C SER B 248 31.71 -3.73 -22.58
N LYS B 249 31.38 -3.31 -21.37
CA LYS B 249 32.41 -2.94 -20.40
C LYS B 249 33.14 -4.18 -19.92
N ILE B 250 32.41 -5.28 -19.76
CA ILE B 250 33.03 -6.52 -19.35
C ILE B 250 33.90 -7.02 -20.51
N LYS B 251 33.43 -6.79 -21.73
CA LYS B 251 34.15 -7.23 -22.93
C LYS B 251 35.53 -6.57 -23.02
N GLU B 252 35.63 -5.35 -22.50
CA GLU B 252 36.89 -4.61 -22.51
C GLU B 252 37.94 -5.37 -21.72
N ARG B 253 37.49 -6.18 -20.75
CA ARG B 253 38.40 -6.97 -19.92
C ARG B 253 38.50 -8.38 -20.47
N ILE B 254 37.38 -8.93 -20.89
CA ILE B 254 37.31 -10.29 -21.42
C ILE B 254 36.67 -10.22 -22.81
N PRO B 255 37.48 -9.89 -23.84
CA PRO B 255 37.01 -9.76 -25.21
C PRO B 255 36.36 -10.97 -25.88
N GLU B 256 36.66 -12.17 -25.40
CA GLU B 256 36.08 -13.39 -25.99
C GLU B 256 34.60 -13.52 -25.64
N PHE B 257 34.19 -12.86 -24.56
CA PHE B 257 32.83 -12.90 -24.07
C PHE B 257 31.76 -12.56 -25.13
N GLU B 258 30.69 -13.36 -25.14
CA GLU B 258 29.59 -13.16 -26.07
C GLU B 258 28.25 -13.10 -25.31
N ILE B 259 27.28 -12.43 -25.90
CA ILE B 259 25.97 -12.29 -25.27
C ILE B 259 24.83 -12.33 -26.27
N GLU B 260 23.72 -12.91 -25.86
CA GLU B 260 22.55 -12.97 -26.72
C GLU B 260 21.34 -12.59 -25.84
N TYR B 261 20.32 -12.02 -26.45
CA TYR B 261 19.15 -11.59 -25.69
C TYR B 261 17.87 -12.38 -25.93
N LYS B 262 17.38 -13.02 -24.87
CA LYS B 262 16.15 -13.80 -24.90
C LYS B 262 15.30 -13.34 -23.72
N GLU B 263 14.70 -12.16 -23.85
CA GLU B 263 13.88 -11.62 -22.76
C GLU B 263 12.62 -12.40 -22.40
N ASP B 264 12.31 -12.43 -21.11
CA ASP B 264 11.12 -13.12 -20.63
C ASP B 264 10.36 -12.19 -19.69
N PHE B 265 9.43 -12.76 -18.93
CA PHE B 265 8.60 -11.98 -18.02
C PHE B 265 9.37 -11.02 -17.11
N ARG B 266 10.62 -11.34 -16.81
CA ARG B 266 11.42 -10.48 -15.95
C ARG B 266 11.72 -9.14 -16.61
N ASP B 267 11.74 -9.12 -17.94
CA ASP B 267 11.98 -7.88 -18.65
C ASP B 267 10.74 -7.00 -18.55
N LYS B 268 9.57 -7.64 -18.50
CA LYS B 268 8.32 -6.89 -18.38
C LYS B 268 8.28 -6.24 -16.99
N ILE B 269 8.83 -6.94 -16.01
CA ILE B 269 8.91 -6.43 -14.65
C ILE B 269 9.82 -5.19 -14.63
N ALA B 270 11.03 -5.35 -15.16
CA ALA B 270 12.00 -4.28 -15.20
C ALA B 270 11.51 -3.05 -15.97
N ALA B 271 10.71 -3.26 -17.02
CA ALA B 271 10.21 -2.17 -17.84
C ALA B 271 9.28 -1.23 -17.05
N THR B 272 8.69 -1.74 -15.97
CA THR B 272 7.81 -0.90 -15.16
C THR B 272 8.56 -0.03 -14.15
N TRP B 273 9.88 -0.24 -14.04
CA TRP B 273 10.71 0.51 -13.09
C TRP B 273 11.46 1.67 -13.72
N PRO B 274 11.90 2.64 -12.91
CA PRO B 274 12.65 3.78 -13.42
C PRO B 274 14.09 3.40 -13.76
N GLU B 275 14.72 4.17 -14.63
CA GLU B 275 16.11 3.90 -15.05
C GLU B 275 17.16 4.44 -14.08
N SER B 276 16.90 5.59 -13.48
CA SER B 276 17.84 6.18 -12.54
C SER B 276 17.14 6.85 -11.37
N LEU B 277 17.81 6.87 -10.22
CA LEU B 277 17.24 7.45 -9.02
C LEU B 277 18.02 8.65 -8.50
N ASP B 278 17.31 9.51 -7.77
CA ASP B 278 17.93 10.67 -7.14
C ASP B 278 18.02 10.26 -5.67
N SER B 279 19.25 10.16 -5.16
CA SER B 279 19.46 9.76 -3.77
C SER B 279 19.92 10.89 -2.85
N SER B 280 19.63 12.13 -3.25
CA SER B 280 20.02 13.30 -2.45
C SER B 280 19.52 13.23 -1.01
N GLU B 281 18.28 12.80 -0.84
CA GLU B 281 17.68 12.69 0.48
C GLU B 281 18.46 11.77 1.41
N ALA B 282 18.94 10.65 0.90
CA ALA B 282 19.70 9.72 1.72
C ALA B 282 21.04 10.35 2.11
N SER B 283 21.62 11.11 1.19
CA SER B 283 22.90 11.75 1.46
C SER B 283 22.76 12.95 2.39
N ASN B 284 21.69 13.72 2.21
CA ASN B 284 21.46 14.89 3.03
C ASN B 284 21.09 14.55 4.47
N GLU B 285 20.24 13.54 4.66
CA GLU B 285 19.83 13.15 6.01
C GLU B 285 20.83 12.30 6.78
N TRP B 286 21.42 11.30 6.12
CA TRP B 286 22.40 10.47 6.81
C TRP B 286 23.70 10.23 6.05
N GLY B 287 24.04 11.16 5.16
CA GLY B 287 25.28 11.07 4.42
C GLY B 287 25.57 9.89 3.52
N PHE B 288 24.54 9.19 3.05
CA PHE B 288 24.75 8.05 2.15
C PHE B 288 25.78 8.41 1.09
N SER B 289 26.64 7.47 0.73
CA SER B 289 27.64 7.71 -0.30
C SER B 289 28.18 6.41 -0.92
N ILE B 290 28.70 6.52 -2.13
CA ILE B 290 29.24 5.38 -2.86
C ILE B 290 30.76 5.48 -2.98
N GLU B 291 31.45 4.36 -2.83
CA GLU B 291 32.91 4.38 -2.98
C GLU B 291 33.35 3.43 -4.08
N TYR B 292 32.39 2.76 -4.71
CA TYR B 292 32.66 1.82 -5.80
C TYR B 292 31.88 2.19 -7.06
N ASP B 293 32.52 2.89 -7.99
CA ASP B 293 31.84 3.24 -9.23
C ASP B 293 31.75 1.99 -10.09
N LEU B 294 31.17 2.12 -11.28
CA LEU B 294 31.02 0.97 -12.16
C LEU B 294 32.34 0.30 -12.49
N ASP B 295 33.28 1.04 -13.06
CA ASP B 295 34.58 0.47 -13.41
C ASP B 295 35.14 -0.36 -12.25
N ARG B 296 35.09 0.21 -11.06
CA ARG B 296 35.59 -0.46 -9.87
C ARG B 296 34.83 -1.73 -9.51
N THR B 297 33.52 -1.75 -9.72
CA THR B 297 32.75 -2.95 -9.39
C THR B 297 32.96 -4.03 -10.45
N ILE B 298 33.14 -3.62 -11.70
CA ILE B 298 33.36 -4.59 -12.78
C ILE B 298 34.66 -5.35 -12.54
N ASP B 299 35.75 -4.63 -12.37
CA ASP B 299 37.05 -5.24 -12.13
C ASP B 299 37.03 -6.08 -10.87
N ASP B 300 36.43 -5.52 -9.80
CA ASP B 300 36.35 -6.22 -8.53
C ASP B 300 35.58 -7.53 -8.68
N MET B 301 34.48 -7.50 -9.42
CA MET B 301 33.66 -8.71 -9.64
C MET B 301 34.44 -9.77 -10.42
N ILE B 302 35.05 -9.36 -11.53
CA ILE B 302 35.84 -10.30 -12.35
C ILE B 302 36.89 -10.95 -11.46
N ASP B 303 37.60 -10.12 -10.70
CA ASP B 303 38.64 -10.60 -9.79
C ASP B 303 38.11 -11.66 -8.85
N HIS B 304 37.05 -11.32 -8.11
CA HIS B 304 36.43 -12.25 -7.16
C HIS B 304 35.74 -13.46 -7.79
N ILE B 305 35.10 -13.26 -8.94
CA ILE B 305 34.38 -14.36 -9.59
C ILE B 305 35.33 -15.36 -10.24
N SER B 306 36.45 -14.87 -10.73
CA SER B 306 37.42 -15.75 -11.37
C SER B 306 38.14 -16.60 -10.33
N GLU B 307 38.57 -15.94 -9.25
CA GLU B 307 39.28 -16.62 -8.17
C GLU B 307 38.45 -17.70 -7.47
N LYS B 308 37.13 -17.60 -7.53
CA LYS B 308 36.29 -18.60 -6.87
C LYS B 308 35.64 -19.56 -7.87
N LEU B 309 36.14 -19.57 -9.09
CA LEU B 309 35.59 -20.46 -10.11
C LEU B 309 36.72 -21.32 -10.67
PA NAD C . -19.28 1.83 7.84
O1A NAD C . -20.60 2.48 7.88
O2A NAD C . -18.39 1.96 9.09
O5B NAD C . -19.51 0.26 7.44
C5B NAD C . -18.41 -0.65 7.41
C4B NAD C . -18.98 -2.07 7.62
O4B NAD C . -17.89 -3.00 7.72
C3B NAD C . -19.79 -2.19 8.92
O3B NAD C . -21.14 -2.54 8.67
C2B NAD C . -19.02 -3.24 9.71
O2B NAD C . -19.78 -4.02 10.61
C1B NAD C . -18.40 -4.02 8.58
N9A NAD C . -17.35 -5.00 8.96
C8A NAD C . -16.28 -4.83 9.82
N7A NAD C . -15.58 -5.97 9.87
C5A NAD C . -16.17 -6.88 9.06
C6A NAD C . -15.88 -8.21 8.71
N6A NAD C . -14.85 -8.84 9.24
N1A NAD C . -16.72 -8.88 7.82
C2A NAD C . -17.82 -8.23 7.26
N3A NAD C . -18.11 -6.91 7.59
C4A NAD C . -17.29 -6.26 8.47
O3 NAD C . -18.52 2.41 6.55
PN NAD C . -19.18 2.80 5.13
O1N NAD C . -20.42 2.03 4.88
O2N NAD C . -19.32 4.28 5.09
O5D NAD C . -18.02 2.37 4.14
C5D NAD C . -17.69 1.01 3.98
C4D NAD C . -16.56 0.91 2.99
O4D NAD C . -16.50 2.11 2.22
C3D NAD C . -15.20 0.74 3.64
O3D NAD C . -14.45 -0.27 2.99
C2D NAD C . -14.55 2.10 3.56
O2D NAD C . -13.16 2.05 3.48
C1D NAD C . -15.22 2.71 2.34
N1N NAD C . -15.38 4.20 2.38
C2N NAD C . -16.13 4.78 3.42
C3N NAD C . -16.28 6.19 3.47
C7N NAD C . -17.09 6.82 4.58
O7N NAD C . -17.20 8.20 4.59
N7N NAD C . -17.69 6.14 5.53
C4N NAD C . -15.66 6.98 2.49
C5N NAD C . -14.89 6.39 1.47
C6N NAD C . -14.76 4.97 1.42
PA NAD D . 17.35 -13.11 -1.32
O1A NAD D . 18.78 -13.31 -1.54
O2A NAD D . 16.40 -13.76 -2.32
O5B NAD D . 17.00 -13.55 0.21
C5B NAD D . 15.67 -13.55 0.72
C4B NAD D . 15.64 -14.51 1.93
O4B NAD D . 14.30 -14.64 2.40
C3B NAD D . 16.11 -15.92 1.53
O3B NAD D . 17.29 -16.30 2.23
C2B NAD D . 14.90 -16.78 1.82
O2B NAD D . 15.16 -18.12 2.19
C1B NAD D . 14.24 -15.96 2.90
N9A NAD D . 12.86 -16.34 3.28
C8A NAD D . 11.80 -16.66 2.46
N7A NAD D . 10.73 -16.97 3.23
C5A NAD D . 11.09 -16.86 4.53
C6A NAD D . 10.41 -17.06 5.75
N6A NAD D . 9.15 -17.44 5.79
N1A NAD D . 11.11 -16.86 6.96
C2A NAD D . 12.45 -16.46 6.93
N3A NAD D . 13.12 -16.26 5.74
C4A NAD D . 12.43 -16.46 4.57
O3 NAD D . 17.09 -11.52 -1.31
PN NAD D . 18.05 -10.36 -0.69
O1N NAD D . 18.90 -10.89 0.39
O2N NAD D . 18.75 -9.70 -1.83
O5D NAD D . 16.96 -9.35 -0.13
C5D NAD D . 16.15 -9.73 0.96
C4D NAD D . 15.19 -8.61 1.32
O4D NAD D . 15.62 -7.40 0.72
C3D NAD D . 13.76 -8.84 0.83
O3D NAD D . 12.84 -8.54 1.88
C2D NAD D . 13.58 -7.93 -0.35
O2D NAD D . 12.26 -7.45 -0.49
C1D NAD D . 14.63 -6.84 -0.10
N1N NAD D . 15.31 -6.28 -1.29
C2N NAD D . 15.82 -7.15 -2.27
C3N NAD D . 16.46 -6.62 -3.40
C7N NAD D . 17.01 -7.55 -4.44
O7N NAD D . 17.63 -6.99 -5.53
N7N NAD D . 16.92 -8.86 -4.35
C4N NAD D . 16.58 -5.22 -3.53
C5N NAD D . 16.06 -4.38 -2.54
C6N NAD D . 15.42 -4.92 -1.42
#